data_9K3L
#
_entry.id   9K3L
#
_cell.length_a   1.00
_cell.length_b   1.00
_cell.length_c   1.00
_cell.angle_alpha   90.00
_cell.angle_beta   90.00
_cell.angle_gamma   90.00
#
_symmetry.space_group_name_H-M   'P 1'
#
loop_
_entity.id
_entity.type
_entity.pdbx_description
1 polymer 'Guanine nucleotide-binding protein G(i) subunit alpha-1,Guanine nucleotide-binding protein G(s) subunit alpha isoforms short'
2 polymer 'Guanine nucleotide-binding protein G(I)/G(S)/G(T) subunit beta-1,Guanine nucleotide-binding protein G(I)/G(S)/G(T) subunit beta-1,Guanine nucleotide-binding protein G(I)/G(S)/G(T) subunit beta-1,HiBiT'
3 polymer 'Guanine nucleotide-binding protein G(I)/G(S)/G(O) subunit gamma-2'
4 polymer Nb35
5 polymer 'Adrenocorticotropic hormone receptor,Adrenocorticotropic hormone receptor,Adrenocorticotropic hormone receptor,LgBiT subunit'
6 polymer scFv16
#
loop_
_entity_poly.entity_id
_entity_poly.type
_entity_poly.pdbx_seq_one_letter_code
_entity_poly.pdbx_strand_id
1 'polypeptide(L)'
;MGCTLSAEDKAAVERSKMIEKQLQKDKQVYRATHRLLLLGADNSGKSTIVKQMRIYHVNGYSEEECKQYKAVVYSNTIQS
IIAIIRAMGRLKIDFGDSARADDARQLFVLAGAAEEGFMTAELAGVIKRLWKDSGVQACFNRSREYQLNDSAAYYLNDLD
RIAQPNYIPTQQDVLRTRVKTSGIFETKFQVDKVNFHMFDVGAQRDERRKWIQCFNDVTAIIFVVDSSDYNRLQEALNDF
KSIWNNRWLRTISVILFLNKQDLLAEKVLAGKSKIEDYFPEFARYTTPEDATPEPGEDPRVTRAKYFIRDEFLRISTASG
DGRHYCYPHFTCSVDTENARRIFNDCRDIIQRMHLRQYELL
;
A
2 'polypeptide(L)'
;MGSLLQSELDQLRQEAEQLKNQIRDARKACADATLSQITNNIDPVGRIQMRTRRTLRGHLAKIYAMHWGTDSRLLVSASQ
DGKLIIWDSYTTNKVHAIPLRSSWVMTCAYAPSGNYVACGGLDNICSIYNLKTREGNVRVSRELAGHTGYLSCCRFLDDN
QIVTSSGDTTCALWDIETGQQTTTFTGHTGDVMSLSLAPDTRLFVSGACDASAKLWDVREGMCRQTFTGHESDINAICFF
PNGNAFATGSDDATCRLFDLRADQELMTYSHDNIICGITSVSFSKSGRLLLAGYDDFNCNVWDALKADRAGVLAGHDNRV
SCLGVTDDGMAVATGSWDSFLKIWNGSSGGGGSGGGGSSGVSGWRLFKKIS
;
B
3 'polypeptide(L)' MASNNTASIAQARKLVEQLKMEANIDRIKVSKAAADLMAYCEAHAKEDPLLTPVPASENPFREKKFFCAIL G
4 'polypeptide(L)'
;MKYLLPTAAAGLLLLAAQPAMAQVQLQESGGGLVQPGGSLRLSCAASGFTFSNYKMNWVRQAPGKGLEWVSDISQSGASI
SYTGSVKGRFTISRDNAKNTLYLQMNSLKPEDTAVYYCARCPAPFTRDCFDVTSTTYAYRGQGTQVTVSSHHHHHHEPEA
;
N
5 'polypeptide(L)'
;MKHIINSYENINNTARNNSDCPRVVLPEEIFFTISIVGVLENLIVLLAVFKNKNLQAPMYFFICSLAISDMLGSLYKILE
NILIILRNMGYLKPRGSFETTADDIIDSLFVLSLLGSIFSLSVIAADRYITIFHALRYHSIVTMRRTVVVLTVIWTFCTG
TGITMVIFSHHVPTVITFTSLFPLMLVFILCLYVHMFLLARSHTRKISTLPRANMKGAITLTILLGVFIFCWAPFVLHVL
LMTFCPSNPYCACYMSLFQVNGMLIMCNAVIDPFIYAFRSPELRDAFKKMIFCSRYWGSSGGGGSGGGGSSGVFTLEDFV
GDWEQTAAYNLDQVLEQGGVSSLLQNLAVSVTPIQRIVRSGENALKIDIHVIIPYEGLSADQMAQIEEVFKVVYPVDDHH
FKVILPYGTLVIDGVTPNMLNYFGRPYEGIAVFDGKKITVTGTLWNGNKIIDERLITPDGSMLFRVTINS
;
R
6 'polypeptide(L)'
;MLLVNQSHQGFNKEHTSKMVSAIVLYVLLAAAAHSAFAVQLVESGGGLVQPGGSRKLSCSASGFAFSSFGMHWVRQAPEK
GLEWVAYISSGSGTIYYADTVKGRFTISRDDPKNTLFLQMTSLRSEDTAMYYCVRSIYYYGSSPFDFWGQGTTLTVSAGG
GGSGGGGSGGGGSADIVMTQATSSVPVTPGESVSISCRSSKSLLHSNGNTYLYWFLQRPGQSPQLLIYRMSNLASGVPDR
FSGSGSGTAFTLTISRLEAEDVGVYYCMQHLEYPLTFGAGTKLEL
;
S
#
# COMPACT_ATOMS: atom_id res chain seq x y z
N LEU A 5 -3.29 -25.00 19.83
CA LEU A 5 -2.48 -24.90 18.62
C LEU A 5 -2.08 -26.30 18.14
N SER A 6 -2.84 -26.83 17.19
CA SER A 6 -2.57 -28.15 16.66
C SER A 6 -1.27 -28.15 15.85
N ALA A 7 -0.85 -29.36 15.46
CA ALA A 7 0.42 -29.52 14.76
C ALA A 7 0.41 -28.80 13.42
N GLU A 8 -0.68 -28.93 12.67
CA GLU A 8 -0.77 -28.29 11.37
C GLU A 8 -0.87 -26.77 11.47
N ASP A 9 -1.57 -26.25 12.48
CA ASP A 9 -1.54 -24.81 12.69
C ASP A 9 -0.17 -24.32 13.12
N LYS A 10 0.57 -25.11 13.89
CA LYS A 10 1.94 -24.76 14.24
C LYS A 10 2.82 -24.70 13.00
N ALA A 11 2.68 -25.66 12.10
CA ALA A 11 3.42 -25.61 10.86
C ALA A 11 3.00 -24.43 9.98
N ALA A 12 1.72 -24.07 10.01
CA ALA A 12 1.28 -22.87 9.30
C ALA A 12 1.92 -21.62 9.86
N VAL A 13 2.04 -21.53 11.18
CA VAL A 13 2.75 -20.40 11.80
C VAL A 13 4.20 -20.41 11.37
N GLU A 14 4.80 -21.59 11.27
CA GLU A 14 6.18 -21.67 10.82
C GLU A 14 6.35 -21.13 9.40
N ARG A 15 5.42 -21.50 8.51
CA ARG A 15 5.47 -21.02 7.14
C ARG A 15 5.26 -19.50 7.07
N SER A 16 4.35 -18.98 7.89
CA SER A 16 4.16 -17.53 7.93
C SER A 16 5.42 -16.82 8.40
N LYS A 17 6.11 -17.39 9.39
CA LYS A 17 7.36 -16.78 9.85
C LYS A 17 8.42 -16.77 8.76
N MET A 18 8.53 -17.85 7.99
CA MET A 18 9.47 -17.84 6.87
C MET A 18 9.10 -16.80 5.82
N ILE A 19 7.82 -16.67 5.51
CA ILE A 19 7.39 -15.62 4.60
C ILE A 19 7.76 -14.25 5.15
N GLU A 20 7.59 -14.05 6.45
CA GLU A 20 7.96 -12.77 7.07
C GLU A 20 9.44 -12.50 6.95
N LYS A 21 10.28 -13.52 7.09
CA LYS A 21 11.71 -13.33 6.93
C LYS A 21 12.05 -12.91 5.51
N GLN A 22 11.46 -13.57 4.52
CA GLN A 22 11.68 -13.15 3.14
C GLN A 22 11.20 -11.72 2.91
N LEU A 23 10.07 -11.35 3.52
CA LEU A 23 9.57 -9.99 3.41
C LEU A 23 10.52 -8.98 4.05
N GLN A 24 11.18 -9.35 5.13
CA GLN A 24 12.17 -8.45 5.72
C GLN A 24 13.37 -8.25 4.81
N LYS A 25 13.83 -9.31 4.16
CA LYS A 25 14.89 -9.12 3.16
C LYS A 25 14.44 -8.19 2.06
N ASP A 26 13.22 -8.39 1.55
CA ASP A 26 12.67 -7.51 0.53
C ASP A 26 12.55 -6.07 1.02
N LYS A 27 12.26 -5.87 2.31
CA LYS A 27 12.17 -4.53 2.87
C LYS A 27 13.52 -3.85 2.93
N GLN A 28 14.57 -4.60 3.28
CA GLN A 28 15.93 -4.06 3.17
C GLN A 28 16.20 -3.57 1.75
N VAL A 29 15.93 -4.42 0.76
CA VAL A 29 16.18 -4.02 -0.61
C VAL A 29 15.32 -2.83 -1.02
N TYR A 30 14.08 -2.77 -0.52
CA TYR A 30 13.17 -1.69 -0.89
C TYR A 30 13.62 -0.35 -0.34
N ARG A 31 13.99 -0.30 0.94
CA ARG A 31 14.49 0.97 1.46
C ARG A 31 15.81 1.35 0.83
N ALA A 32 16.62 0.37 0.44
CA ALA A 32 17.89 0.68 -0.19
C ALA A 32 17.75 1.22 -1.60
N THR A 33 16.54 1.50 -2.06
CA THR A 33 16.29 1.93 -3.43
C THR A 33 15.56 3.27 -3.43
N HIS A 34 16.02 4.17 -4.29
CA HIS A 34 15.39 5.47 -4.46
C HIS A 34 14.74 5.54 -5.84
N ARG A 35 13.47 5.89 -5.87
CA ARG A 35 12.68 5.87 -7.08
C ARG A 35 12.54 7.27 -7.66
N LEU A 36 12.43 7.34 -8.97
CA LEU A 36 12.26 8.59 -9.70
C LEU A 36 11.13 8.43 -10.71
N LEU A 37 10.79 9.53 -11.37
CA LEU A 37 9.70 9.53 -12.33
C LEU A 37 10.05 10.52 -13.43
N LEU A 38 10.24 10.02 -14.66
CA LEU A 38 10.72 10.84 -15.76
C LEU A 38 9.52 11.41 -16.50
N LEU A 39 9.29 12.70 -16.31
CA LEU A 39 8.26 13.43 -17.04
C LEU A 39 8.89 14.30 -18.11
N GLY A 40 8.08 14.69 -19.09
CA GLY A 40 8.58 15.45 -20.21
C GLY A 40 7.56 15.51 -21.32
N ALA A 41 8.05 15.69 -22.54
CA ALA A 41 7.18 15.81 -23.71
C ALA A 41 7.73 14.93 -24.82
N ASP A 42 7.02 14.91 -25.95
CA ASP A 42 7.42 14.08 -27.08
C ASP A 42 8.75 14.53 -27.67
N ASN A 43 8.96 15.84 -27.77
CA ASN A 43 10.18 16.39 -28.35
C ASN A 43 11.25 16.71 -27.32
N SER A 44 10.98 16.46 -26.04
CA SER A 44 11.91 16.83 -24.98
C SER A 44 13.22 16.06 -25.06
N GLY A 45 13.28 14.99 -25.84
CA GLY A 45 14.44 14.14 -25.83
C GLY A 45 14.63 13.44 -24.50
N LYS A 46 13.53 13.14 -23.81
CA LYS A 46 13.65 12.40 -22.57
C LYS A 46 14.19 11.00 -22.81
N SER A 47 13.80 10.38 -23.91
CA SER A 47 14.39 9.09 -24.29
C SER A 47 15.88 9.24 -24.57
N THR A 48 16.30 10.39 -25.11
CA THR A 48 17.72 10.62 -25.36
C THR A 48 18.50 10.59 -24.05
N ILE A 49 17.94 11.20 -22.99
CA ILE A 49 18.57 11.10 -21.68
C ILE A 49 18.46 9.67 -21.15
N VAL A 50 17.38 8.95 -21.51
CA VAL A 50 17.27 7.54 -21.12
C VAL A 50 18.37 6.73 -21.78
N LYS A 51 18.73 7.08 -23.02
CA LYS A 51 19.85 6.40 -23.67
C LYS A 51 21.15 6.60 -22.89
N GLN A 52 21.31 7.76 -22.24
CA GLN A 52 22.50 7.99 -21.42
C GLN A 52 22.35 7.31 -20.06
N MET A 53 21.34 7.72 -19.30
CA MET A 53 21.12 7.13 -17.99
C MET A 53 19.97 6.13 -18.02
N THR A 181 2.48 -1.80 -26.20
CA THR A 181 1.36 -1.48 -25.32
C THR A 181 1.82 -1.39 -23.87
N SER A 182 3.13 -1.50 -23.65
CA SER A 182 3.69 -1.41 -22.31
C SER A 182 3.42 -0.04 -21.72
N GLY A 183 2.61 0.00 -20.67
CA GLY A 183 2.20 1.27 -20.09
C GLY A 183 3.22 1.92 -19.20
N ILE A 184 4.24 1.19 -18.76
CA ILE A 184 5.25 1.76 -17.88
C ILE A 184 6.61 1.17 -18.23
N PHE A 185 7.58 2.03 -18.52
CA PHE A 185 8.94 1.59 -18.74
C PHE A 185 9.73 1.73 -17.45
N GLU A 186 10.90 1.12 -17.41
CA GLU A 186 11.69 1.14 -16.19
C GLU A 186 13.17 1.15 -16.53
N THR A 187 13.89 2.12 -15.98
CA THR A 187 15.32 2.27 -16.19
C THR A 187 16.06 2.03 -14.88
N LYS A 188 17.15 1.28 -14.95
CA LYS A 188 17.92 0.88 -13.79
C LYS A 188 19.30 1.50 -13.89
N PHE A 189 19.73 2.20 -12.85
CA PHE A 189 21.10 2.73 -12.89
C PHE A 189 21.62 2.93 -11.47
N GLN A 190 22.93 2.76 -11.33
CA GLN A 190 23.62 2.75 -10.05
C GLN A 190 24.73 3.78 -10.08
N VAL A 191 24.80 4.62 -9.05
CA VAL A 191 25.89 5.59 -8.91
C VAL A 191 26.37 5.55 -7.47
N ASP A 192 27.67 5.29 -7.28
CA ASP A 192 28.28 5.19 -5.95
C ASP A 192 27.57 4.16 -5.09
N LYS A 193 27.18 3.04 -5.71
CA LYS A 193 26.54 1.93 -5.02
C LYS A 193 25.26 2.37 -4.30
N VAL A 194 24.41 3.10 -5.00
CA VAL A 194 23.10 3.49 -4.48
C VAL A 194 22.06 3.19 -5.56
N ASN A 195 21.01 2.46 -5.19
CA ASN A 195 20.00 2.03 -6.15
C ASN A 195 19.18 3.22 -6.63
N PHE A 196 18.78 3.17 -7.90
CA PHE A 196 17.94 4.21 -8.50
C PHE A 196 17.03 3.57 -9.52
N HIS A 197 15.72 3.73 -9.33
CA HIS A 197 14.71 3.30 -10.27
C HIS A 197 14.12 4.51 -10.96
N MET A 198 14.06 4.48 -12.30
CA MET A 198 13.45 5.53 -13.08
C MET A 198 12.32 4.95 -13.91
N PHE A 199 11.11 5.47 -13.73
CA PHE A 199 9.91 4.93 -14.37
C PHE A 199 9.40 5.90 -15.42
N ASP A 200 9.86 5.71 -16.66
CA ASP A 200 9.31 6.44 -17.79
C ASP A 200 7.92 5.90 -18.12
N VAL A 201 6.97 6.79 -18.29
CA VAL A 201 5.58 6.41 -18.55
C VAL A 201 5.39 6.27 -20.05
N GLY A 202 5.03 5.06 -20.49
CA GLY A 202 4.97 4.76 -21.90
C GLY A 202 3.59 4.89 -22.52
N ALA A 203 2.98 3.77 -22.87
CA ALA A 203 1.73 3.76 -23.62
C ALA A 203 0.58 4.13 -22.68
N GLN A 204 0.45 5.42 -22.44
CA GLN A 204 -0.67 5.97 -21.70
C GLN A 204 -1.26 7.14 -22.47
N ARG A 205 -2.48 7.51 -22.10
CA ARG A 205 -3.19 8.57 -22.79
C ARG A 205 -2.67 9.93 -22.34
N ASP A 206 -3.38 10.99 -22.71
CA ASP A 206 -2.94 12.35 -22.39
C ASP A 206 -3.15 12.67 -20.91
N GLU A 207 -4.30 12.30 -20.36
CA GLU A 207 -4.63 12.71 -19.00
C GLU A 207 -3.72 12.01 -18.00
N ARG A 208 -3.43 12.71 -16.90
CA ARG A 208 -2.60 12.19 -15.83
C ARG A 208 -3.18 12.44 -14.44
N ARG A 209 -4.40 12.96 -14.36
CA ARG A 209 -4.93 13.36 -13.07
C ARG A 209 -5.18 12.19 -12.13
N LYS A 210 -5.12 10.95 -12.63
CA LYS A 210 -5.38 9.79 -11.80
C LYS A 210 -4.15 8.92 -11.57
N TRP A 211 -3.30 8.71 -12.58
CA TRP A 211 -2.16 7.83 -12.37
C TRP A 211 -0.94 8.56 -11.85
N ILE A 212 -0.96 9.89 -11.78
CA ILE A 212 0.12 10.60 -11.08
C ILE A 212 -0.04 10.50 -9.57
N GLN A 213 -1.21 10.06 -9.09
CA GLN A 213 -1.38 9.79 -7.67
C GLN A 213 -0.49 8.66 -7.21
N CYS A 214 -0.09 7.77 -8.12
CA CYS A 214 0.69 6.59 -7.79
C CYS A 214 2.14 6.92 -7.46
N PHE A 215 2.58 8.16 -7.69
CA PHE A 215 3.97 8.53 -7.49
C PHE A 215 4.16 9.48 -6.32
N ASN A 216 3.26 9.43 -5.34
CA ASN A 216 3.61 9.93 -4.03
C ASN A 216 4.58 8.95 -3.39
N ASP A 217 5.35 9.45 -2.43
CA ASP A 217 6.45 8.68 -1.84
C ASP A 217 7.43 8.24 -2.94
N VAL A 218 7.94 9.24 -3.64
CA VAL A 218 8.99 9.08 -4.64
C VAL A 218 10.04 10.13 -4.36
N THR A 219 11.32 9.76 -4.48
CA THR A 219 12.38 10.66 -4.05
C THR A 219 12.35 11.98 -4.81
N ALA A 220 12.19 11.92 -6.13
CA ALA A 220 12.19 13.12 -6.92
C ALA A 220 11.45 12.85 -8.23
N ILE A 221 11.18 13.93 -8.96
CA ILE A 221 10.60 13.88 -10.30
C ILE A 221 11.56 14.59 -11.24
N ILE A 222 11.86 13.97 -12.37
CA ILE A 222 12.73 14.57 -13.37
C ILE A 222 11.86 15.13 -14.49
N PHE A 223 12.00 16.42 -14.77
CA PHE A 223 11.21 17.09 -15.80
C PHE A 223 12.17 17.63 -16.85
N VAL A 224 12.17 17.02 -18.02
CA VAL A 224 13.01 17.44 -19.14
C VAL A 224 12.21 18.42 -20.00
N VAL A 225 12.80 19.58 -20.27
CA VAL A 225 12.16 20.66 -21.00
C VAL A 225 12.96 20.97 -22.25
N ASP A 226 12.27 21.16 -23.37
CA ASP A 226 12.89 21.66 -24.58
C ASP A 226 12.94 23.17 -24.52
N SER A 227 14.12 23.74 -24.74
CA SER A 227 14.34 25.17 -24.60
C SER A 227 14.35 25.90 -25.93
N SER A 228 14.06 25.21 -27.03
CA SER A 228 14.09 25.84 -28.35
C SER A 228 12.72 25.92 -29.01
N ASP A 229 11.68 25.33 -28.43
CA ASP A 229 10.32 25.42 -28.99
C ASP A 229 9.52 26.47 -28.24
N TYR A 230 9.93 27.74 -28.44
CA TYR A 230 9.35 28.83 -27.67
C TYR A 230 7.83 28.84 -27.72
N ASN A 231 7.26 28.42 -28.85
CA ASN A 231 5.81 28.34 -28.97
C ASN A 231 5.21 27.20 -28.16
N ARG A 232 6.03 26.33 -27.57
CA ARG A 232 5.55 25.28 -26.67
C ARG A 232 6.08 25.39 -25.25
N LEU A 233 7.08 26.25 -24.99
CA LEU A 233 7.52 26.45 -23.62
C LEU A 233 6.37 26.85 -22.72
N GLN A 234 5.41 27.63 -23.21
CA GLN A 234 4.32 28.03 -22.35
C GLN A 234 3.49 26.84 -21.91
N GLU A 235 3.21 25.90 -22.83
CA GLU A 235 2.54 24.68 -22.44
C GLU A 235 3.40 23.87 -21.47
N ALA A 236 4.72 23.90 -21.66
CA ALA A 236 5.61 23.24 -20.72
C ALA A 236 5.43 23.81 -19.31
N LEU A 237 5.40 25.14 -19.18
CA LEU A 237 5.16 25.77 -17.89
C LEU A 237 3.79 25.40 -17.34
N ASN A 238 2.78 25.35 -18.20
CA ASN A 238 1.43 25.08 -17.70
C ASN A 238 1.31 23.64 -17.20
N ASP A 239 2.09 22.72 -17.75
CA ASP A 239 2.16 21.38 -17.16
C ASP A 239 2.98 21.39 -15.88
N PHE A 240 4.09 22.14 -15.87
CA PHE A 240 4.99 22.16 -14.73
C PHE A 240 4.31 22.73 -13.49
N LYS A 241 3.49 23.76 -13.66
CA LYS A 241 2.82 24.34 -12.50
C LYS A 241 1.84 23.38 -11.88
N SER A 242 1.10 22.63 -12.70
CA SER A 242 0.22 21.60 -12.16
C SER A 242 1.02 20.52 -11.45
N ILE A 243 2.15 20.12 -12.02
CA ILE A 243 2.99 19.11 -11.39
C ILE A 243 3.53 19.61 -10.06
N TRP A 244 3.89 20.88 -10.00
CA TRP A 244 4.40 21.51 -8.78
C TRP A 244 3.33 21.78 -7.75
N ASN A 245 2.06 21.87 -8.15
CA ASN A 245 0.99 22.18 -7.23
C ASN A 245 0.09 21.00 -6.91
N ASN A 246 0.36 19.82 -7.47
CA ASN A 246 -0.48 18.67 -7.21
C ASN A 246 -0.50 18.34 -5.72
N ARG A 247 -1.67 17.87 -5.25
CA ARG A 247 -1.83 17.60 -3.84
C ARG A 247 -0.96 16.46 -3.36
N TRP A 248 -0.87 15.38 -4.16
CA TRP A 248 -0.04 14.24 -3.78
C TRP A 248 1.42 14.44 -4.13
N LEU A 249 1.75 15.45 -4.92
CA LEU A 249 3.13 15.82 -5.21
C LEU A 249 3.56 17.05 -4.43
N ARG A 250 2.98 17.28 -3.26
CA ARG A 250 3.23 18.48 -2.48
C ARG A 250 4.48 18.37 -1.60
N THR A 251 5.19 17.25 -1.66
CA THR A 251 6.44 17.08 -0.93
C THR A 251 7.52 16.48 -1.83
N ILE A 252 7.37 16.63 -3.14
CA ILE A 252 8.21 15.96 -4.13
C ILE A 252 9.00 17.03 -4.86
N SER A 253 10.32 16.90 -4.83
CA SER A 253 11.16 17.85 -5.54
C SER A 253 11.27 17.46 -7.01
N VAL A 254 11.60 18.44 -7.84
CA VAL A 254 11.71 18.26 -9.27
C VAL A 254 13.11 18.65 -9.72
N ILE A 255 13.71 17.81 -10.55
CA ILE A 255 15.04 18.04 -11.09
C ILE A 255 14.87 18.40 -12.56
N LEU A 256 14.93 19.70 -12.87
CA LEU A 256 14.79 20.15 -14.25
C LEU A 256 16.04 19.83 -15.03
N PHE A 257 15.87 19.24 -16.21
CA PHE A 257 16.95 19.05 -17.17
C PHE A 257 16.52 19.75 -18.45
N LEU A 258 16.77 21.06 -18.51
CA LEU A 258 16.50 21.84 -19.70
C LEU A 258 17.38 21.32 -20.83
N ASN A 259 16.78 20.70 -21.83
CA ASN A 259 17.55 19.94 -22.80
C ASN A 259 17.62 20.67 -24.14
N LYS A 260 18.52 20.19 -25.01
CA LYS A 260 18.77 20.77 -26.32
C LYS A 260 19.22 22.22 -26.21
N GLN A 261 20.17 22.46 -25.31
CA GLN A 261 20.78 23.79 -25.20
C GLN A 261 21.62 24.12 -26.42
N ASP A 262 22.30 23.13 -27.01
CA ASP A 262 23.01 23.38 -28.25
C ASP A 262 22.06 23.79 -29.36
N LEU A 263 20.90 23.13 -29.45
CA LEU A 263 19.89 23.52 -30.42
C LEU A 263 19.34 24.90 -30.11
N LEU A 264 19.27 25.27 -28.83
CA LEU A 264 18.90 26.64 -28.47
C LEU A 264 19.92 27.65 -28.93
N ALA A 265 21.20 27.28 -28.93
CA ALA A 265 22.25 28.24 -29.26
C ALA A 265 22.03 28.88 -30.61
N GLU A 266 21.83 28.05 -31.65
CA GLU A 266 21.66 28.58 -32.99
C GLU A 266 20.43 29.46 -33.11
N LYS A 267 19.35 29.10 -32.41
CA LYS A 267 18.08 29.80 -32.49
C LYS A 267 18.24 31.29 -32.28
N VAL A 268 19.06 31.68 -31.30
CA VAL A 268 19.27 33.08 -31.03
C VAL A 268 20.51 33.61 -31.73
N LEU A 269 21.53 32.75 -31.89
CA LEU A 269 22.75 33.19 -32.58
C LEU A 269 22.44 33.67 -33.99
N ALA A 270 21.93 32.77 -34.84
CA ALA A 270 21.43 33.16 -36.15
C ALA A 270 19.94 33.50 -36.04
N GLY A 271 19.66 34.44 -35.15
CA GLY A 271 18.30 34.70 -34.72
C GLY A 271 17.35 35.20 -35.78
N LYS A 272 16.38 34.36 -36.16
CA LYS A 272 15.24 34.80 -36.94
C LYS A 272 14.00 35.04 -36.09
N SER A 273 13.90 34.37 -34.93
CA SER A 273 12.72 34.45 -34.08
C SER A 273 13.10 35.12 -32.78
N LYS A 274 12.25 36.04 -32.33
CA LYS A 274 12.50 36.80 -31.12
C LYS A 274 11.67 36.24 -29.97
N ILE A 275 12.32 36.05 -28.82
CA ILE A 275 11.64 35.49 -27.66
C ILE A 275 10.58 36.46 -27.13
N GLU A 276 10.86 37.76 -27.20
CA GLU A 276 10.00 38.77 -26.60
C GLU A 276 8.60 38.78 -27.18
N ASP A 277 8.40 38.20 -28.36
CA ASP A 277 7.04 38.09 -28.91
C ASP A 277 6.19 37.15 -28.05
N TYR A 278 6.64 35.91 -27.88
CA TYR A 278 5.91 34.98 -27.03
C TYR A 278 5.92 35.43 -25.58
N PHE A 279 7.06 35.93 -25.10
CA PHE A 279 7.20 36.39 -23.72
C PHE A 279 7.48 37.88 -23.69
N PRO A 280 6.49 38.73 -23.40
CA PRO A 280 6.75 40.18 -23.41
C PRO A 280 7.74 40.64 -22.35
N GLU A 281 7.78 40.00 -21.19
CA GLU A 281 8.60 40.49 -20.08
C GLU A 281 10.09 40.25 -20.28
N PHE A 282 10.51 39.83 -21.47
CA PHE A 282 11.93 39.77 -21.75
C PHE A 282 12.58 41.14 -21.82
N ALA A 283 11.77 42.21 -21.90
CA ALA A 283 12.29 43.56 -21.93
C ALA A 283 12.99 43.93 -20.62
N ARG A 284 12.25 43.96 -19.52
CA ARG A 284 12.77 44.42 -18.25
C ARG A 284 13.78 43.46 -17.63
N TYR A 285 13.90 42.24 -18.14
CA TYR A 285 14.80 41.26 -17.57
C TYR A 285 16.21 41.43 -18.11
N THR A 286 17.20 41.10 -17.29
CA THR A 286 18.60 41.07 -17.69
C THR A 286 19.27 39.88 -17.02
N THR A 287 20.53 39.66 -17.37
CA THR A 287 21.25 38.51 -16.84
C THR A 287 21.46 38.66 -15.34
N PRO A 288 21.08 37.68 -14.53
CA PRO A 288 21.34 37.77 -13.09
C PRO A 288 22.83 37.66 -12.81
N GLU A 289 23.24 38.26 -11.70
CA GLU A 289 24.67 38.30 -11.37
C GLU A 289 25.22 36.91 -11.14
N ASP A 290 24.48 36.06 -10.44
CA ASP A 290 24.96 34.74 -10.03
C ASP A 290 25.23 33.82 -11.20
N ALA A 291 24.97 34.27 -12.42
CA ALA A 291 25.22 33.45 -13.60
C ALA A 291 26.70 33.17 -13.75
N THR A 292 27.04 31.93 -14.06
CA THR A 292 28.42 31.50 -14.27
C THR A 292 28.50 30.73 -15.59
N PRO A 293 28.37 31.43 -16.71
CA PRO A 293 28.46 30.75 -18.00
C PRO A 293 29.87 30.27 -18.30
N GLU A 294 29.94 29.19 -19.07
CA GLU A 294 31.21 28.74 -19.60
C GLU A 294 31.70 29.70 -20.68
N PRO A 295 33.00 29.72 -20.95
CA PRO A 295 33.51 30.63 -21.98
C PRO A 295 32.97 30.30 -23.36
N GLY A 296 32.84 31.33 -24.19
CA GLY A 296 32.34 31.19 -25.53
C GLY A 296 30.86 31.44 -25.69
N GLU A 297 30.30 32.42 -24.99
CA GLU A 297 28.86 32.64 -24.99
C GLU A 297 28.54 34.07 -25.39
N ASP A 298 27.48 34.23 -26.16
CA ASP A 298 26.93 35.54 -26.44
C ASP A 298 26.20 36.03 -25.20
N PRO A 299 26.45 37.24 -24.73
CA PRO A 299 25.68 37.77 -23.58
C PRO A 299 24.17 37.71 -23.81
N ARG A 300 23.71 37.95 -25.04
CA ARG A 300 22.29 37.80 -25.31
C ARG A 300 21.85 36.34 -25.15
N VAL A 301 22.69 35.41 -25.59
CA VAL A 301 22.39 33.99 -25.43
C VAL A 301 22.21 33.66 -23.96
N THR A 302 23.13 34.13 -23.12
CA THR A 302 23.02 33.89 -21.69
C THR A 302 21.78 34.56 -21.11
N ARG A 303 21.49 35.79 -21.53
CA ARG A 303 20.34 36.51 -20.99
C ARG A 303 19.04 35.78 -21.29
N ALA A 304 18.93 35.22 -22.50
CA ALA A 304 17.75 34.46 -22.86
C ALA A 304 17.71 33.12 -22.14
N LYS A 305 18.85 32.42 -22.09
CA LYS A 305 18.88 31.09 -21.50
C LYS A 305 18.54 31.12 -20.03
N TYR A 306 19.13 32.07 -19.30
CA TYR A 306 18.78 32.19 -17.89
C TYR A 306 17.37 32.69 -17.69
N PHE A 307 16.79 33.40 -18.65
CA PHE A 307 15.37 33.74 -18.53
C PHE A 307 14.50 32.51 -18.64
N ILE A 308 14.81 31.64 -19.60
CA ILE A 308 14.12 30.37 -19.77
C ILE A 308 14.27 29.53 -18.51
N ARG A 309 15.46 29.56 -17.91
CA ARG A 309 15.65 28.95 -16.60
C ARG A 309 14.79 29.61 -15.52
N ASP A 310 14.58 30.92 -15.61
CA ASP A 310 14.00 31.70 -14.52
C ASP A 310 12.49 31.62 -14.43
N GLU A 311 11.77 31.42 -15.54
CA GLU A 311 10.32 31.36 -15.34
C GLU A 311 9.94 30.13 -14.52
N PHE A 312 10.64 29.01 -14.74
CA PHE A 312 10.37 27.81 -13.95
C PHE A 312 10.64 28.05 -12.47
N LEU A 313 11.74 28.72 -12.16
CA LEU A 313 12.04 29.02 -10.77
C LEU A 313 11.04 30.00 -10.17
N ARG A 314 10.53 30.93 -10.98
CA ARG A 314 9.45 31.79 -10.51
C ARG A 314 8.23 30.96 -10.15
N ILE A 315 7.92 29.95 -10.96
CA ILE A 315 6.84 29.04 -10.64
C ILE A 315 7.13 28.29 -9.35
N SER A 316 8.37 27.83 -9.18
CA SER A 316 8.71 26.96 -8.06
C SER A 316 8.66 27.72 -6.74
N THR A 317 9.23 28.93 -6.70
CA THR A 317 9.35 29.66 -5.45
C THR A 317 8.02 30.20 -4.95
N ALA A 318 6.99 30.23 -5.79
CA ALA A 318 5.72 30.81 -5.39
C ALA A 318 5.09 30.04 -4.23
N SER A 319 5.12 28.71 -4.30
CA SER A 319 4.48 27.88 -3.30
C SER A 319 5.33 26.64 -3.06
N GLY A 320 5.11 26.01 -1.91
CA GLY A 320 5.84 24.82 -1.55
C GLY A 320 6.15 24.77 -0.07
N ASP A 321 6.06 25.91 0.60
CA ASP A 321 6.28 26.04 2.03
C ASP A 321 7.64 25.49 2.46
N GLY A 322 8.60 25.45 1.54
CA GLY A 322 9.91 24.93 1.86
C GLY A 322 9.98 23.42 1.99
N ARG A 323 8.88 22.72 1.74
CA ARG A 323 8.89 21.26 1.85
C ARG A 323 9.56 20.60 0.65
N HIS A 324 9.51 21.23 -0.51
CA HIS A 324 10.23 20.74 -1.68
C HIS A 324 10.75 21.91 -2.48
N TYR A 325 11.82 21.66 -3.24
CA TYR A 325 12.46 22.68 -4.04
C TYR A 325 12.74 22.15 -5.44
N CYS A 326 13.06 23.06 -6.34
CA CYS A 326 13.36 22.74 -7.73
C CYS A 326 14.85 22.90 -7.97
N TYR A 327 15.41 22.02 -8.79
CA TYR A 327 16.85 21.98 -9.04
C TYR A 327 17.11 22.14 -10.53
N PRO A 328 17.44 23.34 -10.99
CA PRO A 328 17.63 23.56 -12.42
C PRO A 328 18.97 23.01 -12.91
N HIS A 329 18.96 22.48 -14.12
CA HIS A 329 20.18 22.04 -14.77
C HIS A 329 20.06 22.29 -16.26
N PHE A 330 21.21 22.48 -16.90
CA PHE A 330 21.30 22.67 -18.35
C PHE A 330 21.94 21.43 -18.95
N THR A 331 21.22 20.75 -19.82
CA THR A 331 21.68 19.49 -20.36
C THR A 331 21.66 19.52 -21.88
N CYS A 332 22.65 18.90 -22.49
CA CYS A 332 22.69 18.63 -23.92
C CYS A 332 22.72 17.12 -24.13
N SER A 333 22.56 16.71 -25.38
CA SER A 333 22.62 15.29 -25.70
C SER A 333 24.01 14.71 -25.45
N VAL A 334 25.04 15.56 -25.45
CA VAL A 334 26.40 15.07 -25.26
C VAL A 334 26.79 14.97 -23.80
N ASP A 335 26.10 15.69 -22.91
CA ASP A 335 26.43 15.61 -21.49
C ASP A 335 26.12 14.23 -20.95
N THR A 336 27.03 13.69 -20.15
CA THR A 336 26.87 12.36 -19.58
C THR A 336 26.78 12.36 -18.06
N GLU A 337 27.06 13.48 -17.40
CA GLU A 337 27.06 13.54 -15.94
C GLU A 337 25.65 13.57 -15.36
N ASN A 338 24.65 13.25 -16.17
CA ASN A 338 23.27 13.30 -15.70
C ASN A 338 23.00 12.34 -14.56
N ALA A 339 23.77 11.26 -14.46
CA ALA A 339 23.61 10.36 -13.33
C ALA A 339 24.18 10.96 -12.06
N ARG A 340 25.36 11.59 -12.17
CA ARG A 340 25.97 12.23 -11.01
C ARG A 340 25.10 13.37 -10.49
N ARG A 341 24.47 14.12 -11.40
CA ARG A 341 23.62 15.20 -10.95
C ARG A 341 22.40 14.69 -10.17
N ILE A 342 21.79 13.60 -10.64
CA ILE A 342 20.67 13.02 -9.90
C ILE A 342 21.13 12.52 -8.54
N PHE A 343 22.31 11.90 -8.50
CA PHE A 343 22.89 11.47 -7.21
C PHE A 343 23.01 12.64 -6.26
N ASN A 344 23.60 13.75 -6.73
CA ASN A 344 23.82 14.91 -5.86
C ASN A 344 22.50 15.49 -5.39
N ASP A 345 21.54 15.68 -6.30
CA ASP A 345 20.26 16.27 -5.90
C ASP A 345 19.43 15.37 -5.00
N CYS A 346 19.47 14.06 -5.18
CA CYS A 346 18.77 13.18 -4.25
C CYS A 346 19.38 13.22 -2.86
N ARG A 347 20.72 13.22 -2.78
CA ARG A 347 21.35 13.38 -1.47
C ARG A 347 20.95 14.70 -0.84
N ASP A 348 20.91 15.76 -1.64
CA ASP A 348 20.53 17.06 -1.13
C ASP A 348 19.10 17.06 -0.60
N ILE A 349 18.18 16.42 -1.32
CA ILE A 349 16.78 16.40 -0.91
C ILE A 349 16.64 15.68 0.42
N ILE A 350 17.31 14.54 0.58
CA ILE A 350 17.19 13.81 1.84
C ILE A 350 17.84 14.59 2.98
N GLN A 351 19.00 15.21 2.72
CA GLN A 351 19.61 16.05 3.74
C GLN A 351 18.67 17.14 4.18
N ARG A 352 17.98 17.78 3.24
CA ARG A 352 17.12 18.90 3.60
C ARG A 352 15.90 18.45 4.38
N MET A 353 15.29 17.32 4.02
CA MET A 353 14.12 16.89 4.80
C MET A 353 14.54 16.49 6.22
N HIS A 354 15.67 15.80 6.36
CA HIS A 354 16.13 15.45 7.70
C HIS A 354 16.46 16.68 8.51
N LEU A 355 17.13 17.67 7.89
CA LEU A 355 17.47 18.91 8.58
C LEU A 355 16.24 19.72 8.93
N ARG A 356 15.15 19.58 8.17
CA ARG A 356 13.91 20.25 8.51
C ARG A 356 13.21 19.59 9.69
N GLN A 357 13.20 18.27 9.75
CA GLN A 357 12.57 17.63 10.90
C GLN A 357 13.41 17.84 12.16
N TYR A 358 14.74 17.95 12.04
CA TYR A 358 15.56 18.33 13.18
C TYR A 358 15.55 19.83 13.44
N GLU A 359 15.06 20.62 12.48
CA GLU A 359 14.86 22.06 12.60
C GLU A 359 16.17 22.85 12.68
N LEU A 360 17.29 22.27 12.27
CA LEU A 360 18.50 23.07 12.10
C LEU A 360 18.41 23.95 10.86
N LEU A 361 17.60 23.57 9.89
CA LEU A 361 17.44 24.36 8.67
C LEU A 361 16.66 25.63 8.96
N GLU B 8 -25.84 16.55 -40.96
CA GLU B 8 -25.29 17.83 -40.51
C GLU B 8 -24.92 17.76 -39.03
N LEU B 9 -23.76 18.35 -38.70
CA LEU B 9 -23.33 18.37 -37.31
C LEU B 9 -24.29 19.14 -36.43
N ASP B 10 -24.79 20.28 -36.92
CA ASP B 10 -25.76 21.06 -36.15
C ASP B 10 -27.06 20.29 -35.96
N GLN B 11 -27.54 19.62 -37.01
CA GLN B 11 -28.76 18.83 -36.89
C GLN B 11 -28.58 17.69 -35.90
N LEU B 12 -27.44 17.01 -35.97
CA LEU B 12 -27.17 15.93 -35.03
C LEU B 12 -27.10 16.44 -33.60
N ARG B 13 -26.47 17.60 -33.39
CA ARG B 13 -26.40 18.18 -32.05
C ARG B 13 -27.79 18.55 -31.54
N GLN B 14 -28.62 19.12 -32.42
CA GLN B 14 -29.99 19.47 -32.01
C GLN B 14 -30.78 18.22 -31.65
N GLU B 15 -30.64 17.15 -32.44
CA GLU B 15 -31.32 15.90 -32.13
C GLU B 15 -30.84 15.33 -30.81
N ALA B 16 -29.52 15.39 -30.55
CA ALA B 16 -28.99 14.90 -29.29
C ALA B 16 -29.52 15.72 -28.12
N GLU B 17 -29.59 17.03 -28.27
CA GLU B 17 -30.12 17.87 -27.20
C GLU B 17 -31.58 17.56 -26.94
N GLN B 18 -32.37 17.36 -28.01
CA GLN B 18 -33.78 17.00 -27.83
C GLN B 18 -33.92 15.67 -27.12
N LEU B 19 -33.11 14.68 -27.51
CA LEU B 19 -33.15 13.38 -26.85
C LEU B 19 -32.76 13.49 -25.38
N LYS B 20 -31.75 14.30 -25.07
CA LYS B 20 -31.33 14.47 -23.68
C LYS B 20 -32.44 15.13 -22.86
N ASN B 21 -33.10 16.15 -23.43
CA ASN B 21 -34.20 16.79 -22.74
C ASN B 21 -35.35 15.81 -22.50
N GLN B 22 -35.67 14.98 -23.49
CA GLN B 22 -36.72 13.99 -23.32
C GLN B 22 -36.35 12.99 -22.23
N ILE B 23 -35.09 12.56 -22.20
CA ILE B 23 -34.64 11.63 -21.17
C ILE B 23 -34.76 12.26 -19.79
N ARG B 24 -34.37 13.54 -19.68
CA ARG B 24 -34.49 14.23 -18.40
C ARG B 24 -35.94 14.34 -17.95
N ASP B 25 -36.84 14.67 -18.87
CA ASP B 25 -38.26 14.76 -18.52
C ASP B 25 -38.80 13.40 -18.09
N ALA B 26 -38.42 12.33 -18.80
CA ALA B 26 -38.87 11.00 -18.41
C ALA B 26 -38.35 10.63 -17.03
N ARG B 27 -37.09 10.97 -16.74
CA ARG B 27 -36.54 10.70 -15.41
C ARG B 27 -37.28 11.49 -14.35
N LYS B 28 -37.61 12.75 -14.63
CA LYS B 28 -38.32 13.58 -13.66
C LYS B 28 -39.72 13.03 -13.41
N ALA B 29 -40.34 12.46 -14.44
CA ALA B 29 -41.73 12.01 -14.32
C ALA B 29 -41.89 10.93 -13.26
N CYS B 30 -40.95 9.97 -13.21
CA CYS B 30 -41.13 8.81 -12.34
C CYS B 30 -40.80 9.08 -10.88
N ALA B 31 -40.25 10.26 -10.55
CA ALA B 31 -39.85 10.58 -9.19
C ALA B 31 -41.06 11.03 -8.38
N ASP B 32 -41.91 10.05 -8.05
CA ASP B 32 -43.12 10.35 -7.30
C ASP B 32 -42.82 10.70 -5.84
N ALA B 33 -41.82 10.05 -5.25
CA ALA B 33 -41.45 10.30 -3.86
C ALA B 33 -39.96 10.07 -3.69
N THR B 34 -39.41 10.65 -2.62
CA THR B 34 -37.99 10.57 -2.33
C THR B 34 -37.74 9.57 -1.21
N LEU B 35 -36.52 9.00 -1.21
CA LEU B 35 -36.13 8.09 -0.13
C LEU B 35 -36.05 8.80 1.21
N SER B 36 -35.64 10.06 1.23
CA SER B 36 -35.58 10.80 2.49
C SER B 36 -36.96 10.96 3.11
N GLN B 37 -37.98 11.23 2.30
CA GLN B 37 -39.32 11.37 2.82
C GLN B 37 -39.85 10.05 3.37
N ILE B 38 -39.59 8.95 2.67
CA ILE B 38 -40.08 7.65 3.13
C ILE B 38 -39.35 7.23 4.41
N THR B 39 -38.05 7.51 4.49
CA THR B 39 -37.25 7.11 5.63
C THR B 39 -37.37 8.07 6.81
N ASN B 40 -38.22 9.09 6.72
CA ASN B 40 -38.42 10.00 7.84
C ASN B 40 -39.06 9.30 9.04
N ASN B 41 -39.66 8.13 8.83
CA ASN B 41 -40.29 7.39 9.91
C ASN B 41 -39.54 6.13 10.31
N ILE B 42 -38.69 5.60 9.44
CA ILE B 42 -37.96 4.37 9.76
C ILE B 42 -36.97 4.64 10.87
N ASP B 43 -36.82 3.67 11.77
CA ASP B 43 -35.99 3.86 12.96
C ASP B 43 -34.51 3.96 12.60
N PRO B 44 -33.82 5.03 12.96
CA PRO B 44 -32.39 5.11 12.67
C PRO B 44 -31.59 4.11 13.48
N VAL B 45 -30.43 3.77 12.97
CA VAL B 45 -29.55 2.83 13.63
C VAL B 45 -28.69 3.60 14.62
N GLY B 46 -28.30 2.94 15.71
CA GLY B 46 -27.46 3.56 16.70
C GLY B 46 -26.03 3.72 16.21
N ARG B 47 -25.24 4.41 17.03
CA ARG B 47 -23.83 4.62 16.70
C ARG B 47 -23.10 3.29 16.67
N ILE B 48 -22.50 2.97 15.53
CA ILE B 48 -21.83 1.68 15.32
C ILE B 48 -20.34 1.88 15.55
N GLN B 49 -19.76 1.02 16.39
CA GLN B 49 -18.33 1.06 16.69
C GLN B 49 -17.70 -0.27 16.37
N MET B 50 -16.57 -0.24 15.67
CA MET B 50 -15.79 -1.41 15.35
C MET B 50 -14.37 -1.19 15.85
N ARG B 51 -13.72 -2.26 16.31
CA ARG B 51 -12.57 -2.09 17.20
C ARG B 51 -11.39 -2.95 16.79
N THR B 52 -11.11 -3.01 15.48
CA THR B 52 -9.83 -3.49 14.95
C THR B 52 -9.38 -4.80 15.62
N ARG B 53 -10.11 -5.86 15.31
CA ARG B 53 -9.81 -7.16 15.88
C ARG B 53 -8.41 -7.65 15.50
N ARG B 54 -8.01 -7.48 14.24
CA ARG B 54 -6.70 -7.92 13.77
C ARG B 54 -6.03 -6.78 13.01
N THR B 55 -4.70 -6.83 12.97
CA THR B 55 -3.92 -5.92 12.15
C THR B 55 -2.91 -6.76 11.36
N LEU B 56 -2.91 -6.59 10.05
CA LEU B 56 -2.18 -7.48 9.15
C LEU B 56 -0.97 -6.72 8.60
N ARG B 57 0.16 -6.87 9.26
CA ARG B 57 1.38 -6.19 8.87
C ARG B 57 2.18 -7.06 7.89
N GLY B 58 3.03 -6.39 7.12
CA GLY B 58 3.91 -7.10 6.21
C GLY B 58 4.17 -6.42 4.89
N HIS B 59 3.23 -5.61 4.40
CA HIS B 59 3.51 -4.83 3.20
C HIS B 59 4.53 -3.75 3.49
N LEU B 60 5.26 -3.37 2.45
CA LEU B 60 6.36 -2.44 2.61
C LEU B 60 5.98 -1.02 2.18
N ALA B 61 4.89 -0.86 1.46
CA ALA B 61 4.45 0.45 1.00
C ALA B 61 2.92 0.45 0.96
N LYS B 62 2.38 1.43 0.25
CA LYS B 62 0.94 1.67 0.27
C LYS B 62 0.18 0.48 -0.29
N ILE B 63 -1.00 0.25 0.27
CA ILE B 63 -1.91 -0.81 -0.18
C ILE B 63 -2.93 -0.19 -1.12
N TYR B 64 -3.07 -0.76 -2.30
CA TYR B 64 -3.95 -0.20 -3.33
C TYR B 64 -5.29 -0.91 -3.40
N ALA B 65 -5.33 -2.22 -3.21
CA ALA B 65 -6.59 -2.96 -3.31
C ALA B 65 -6.49 -4.25 -2.53
N MET B 66 -7.65 -4.79 -2.18
CA MET B 66 -7.77 -6.06 -1.50
C MET B 66 -9.08 -6.71 -1.88
N HIS B 67 -9.17 -8.03 -1.65
CA HIS B 67 -10.37 -8.76 -2.03
C HIS B 67 -10.53 -9.97 -1.12
N TRP B 68 -11.76 -10.23 -0.68
CA TRP B 68 -12.05 -11.39 0.14
C TRP B 68 -12.28 -12.62 -0.73
N GLY B 69 -12.10 -13.78 -0.13
CA GLY B 69 -12.50 -15.02 -0.76
C GLY B 69 -13.95 -15.32 -0.48
N THR B 70 -14.52 -16.24 -1.27
CA THR B 70 -15.92 -16.59 -1.08
C THR B 70 -16.16 -17.35 0.22
N ASP B 71 -15.12 -17.79 0.90
CA ASP B 71 -15.26 -18.44 2.19
C ASP B 71 -15.19 -17.46 3.35
N SER B 72 -14.97 -16.18 3.07
CA SER B 72 -14.91 -15.13 4.08
C SER B 72 -13.78 -15.37 5.08
N ARG B 73 -12.74 -16.07 4.67
CA ARG B 73 -11.61 -16.29 5.57
C ARG B 73 -10.27 -15.93 4.96
N LEU B 74 -10.08 -16.18 3.67
CA LEU B 74 -8.82 -15.84 3.02
C LEU B 74 -8.89 -14.42 2.49
N LEU B 75 -7.73 -13.87 2.13
CA LEU B 75 -7.63 -12.45 1.83
C LEU B 75 -6.39 -12.15 1.01
N VAL B 76 -6.58 -11.49 -0.13
CA VAL B 76 -5.49 -11.07 -1.00
C VAL B 76 -5.35 -9.56 -0.91
N SER B 77 -4.12 -9.07 -1.00
CA SER B 77 -3.84 -7.64 -0.90
C SER B 77 -2.73 -7.26 -1.85
N ALA B 78 -2.92 -6.17 -2.59
CA ALA B 78 -1.97 -5.69 -3.58
C ALA B 78 -1.35 -4.38 -3.09
N SER B 79 -0.03 -4.30 -3.15
CA SER B 79 0.69 -3.12 -2.70
C SER B 79 1.71 -2.70 -3.75
N GLN B 80 2.17 -1.45 -3.63
CA GLN B 80 3.17 -0.93 -4.56
C GLN B 80 4.51 -1.62 -4.39
N ASP B 81 4.70 -2.41 -3.34
CA ASP B 81 5.89 -3.25 -3.21
C ASP B 81 6.08 -4.11 -4.44
N GLY B 82 5.00 -4.63 -4.98
CA GLY B 82 5.04 -5.72 -5.91
C GLY B 82 4.66 -7.06 -5.32
N LYS B 83 3.76 -7.07 -4.34
CA LYS B 83 3.38 -8.29 -3.63
C LYS B 83 1.88 -8.48 -3.63
N LEU B 84 1.45 -9.74 -3.68
CA LEU B 84 0.09 -10.14 -3.39
C LEU B 84 0.16 -11.17 -2.26
N ILE B 85 -0.09 -10.73 -1.03
CA ILE B 85 -0.08 -11.62 0.12
C ILE B 85 -1.48 -12.16 0.34
N ILE B 86 -1.60 -13.46 0.45
CA ILE B 86 -2.85 -14.08 0.86
C ILE B 86 -2.77 -14.36 2.35
N TRP B 87 -3.66 -13.76 3.12
CA TRP B 87 -3.66 -13.86 4.57
C TRP B 87 -4.71 -14.85 5.03
N ASP B 88 -4.41 -15.52 6.14
CA ASP B 88 -5.43 -16.22 6.90
C ASP B 88 -5.96 -15.22 7.93
N SER B 89 -7.11 -14.63 7.63
CA SER B 89 -7.64 -13.55 8.45
C SER B 89 -7.87 -13.99 9.89
N TYR B 90 -8.26 -15.25 10.09
CA TYR B 90 -8.54 -15.73 11.44
C TYR B 90 -7.28 -15.74 12.29
N THR B 91 -6.15 -16.17 11.72
CA THR B 91 -4.92 -16.36 12.48
C THR B 91 -3.83 -15.36 12.10
N THR B 92 -4.14 -14.37 11.28
CA THR B 92 -3.16 -13.37 10.81
C THR B 92 -1.91 -14.05 10.24
N ASN B 93 -2.06 -15.26 9.73
CA ASN B 93 -0.96 -15.99 9.13
C ASN B 93 -0.69 -15.45 7.73
N LYS B 94 0.22 -16.09 7.01
CA LYS B 94 0.46 -15.80 5.61
C LYS B 94 0.62 -17.12 4.88
N VAL B 95 -0.20 -17.36 3.86
CA VAL B 95 -0.19 -18.63 3.17
C VAL B 95 0.58 -18.55 1.85
N HIS B 96 0.50 -17.43 1.14
CA HIS B 96 1.31 -17.21 -0.04
C HIS B 96 1.79 -15.77 -0.07
N ALA B 97 2.98 -15.57 -0.63
CA ALA B 97 3.52 -14.24 -0.88
C ALA B 97 3.95 -14.23 -2.35
N ILE B 98 3.13 -13.63 -3.20
CA ILE B 98 3.31 -13.70 -4.65
C ILE B 98 4.17 -12.51 -5.08
N PRO B 99 5.38 -12.74 -5.61
CA PRO B 99 6.19 -11.62 -6.10
C PRO B 99 5.73 -11.22 -7.49
N LEU B 100 5.37 -9.95 -7.65
CA LEU B 100 4.76 -9.47 -8.88
C LEU B 100 5.83 -9.04 -9.88
N ARG B 101 5.38 -8.78 -11.10
CA ARG B 101 6.31 -8.37 -12.16
C ARG B 101 6.40 -6.86 -12.31
N SER B 102 5.30 -6.15 -12.12
CA SER B 102 5.29 -4.69 -12.15
C SER B 102 4.96 -4.17 -10.77
N SER B 103 5.75 -3.20 -10.30
CA SER B 103 5.57 -2.69 -8.94
C SER B 103 4.30 -1.87 -8.79
N TRP B 104 3.75 -1.35 -9.88
CA TRP B 104 2.62 -0.42 -9.82
C TRP B 104 1.35 -1.19 -10.14
N VAL B 105 0.68 -1.67 -9.10
CA VAL B 105 -0.58 -2.39 -9.23
C VAL B 105 -1.67 -1.60 -8.55
N MET B 106 -2.78 -1.40 -9.25
CA MET B 106 -3.90 -0.64 -8.73
C MET B 106 -5.12 -1.49 -8.45
N THR B 107 -5.06 -2.79 -8.72
CA THR B 107 -6.21 -3.64 -8.50
C THR B 107 -5.78 -5.06 -8.19
N CYS B 108 -6.68 -5.80 -7.54
CA CYS B 108 -6.51 -7.23 -7.32
C CYS B 108 -7.89 -7.83 -7.09
N ALA B 109 -7.98 -9.14 -7.29
CA ALA B 109 -9.25 -9.83 -7.11
C ALA B 109 -8.97 -11.28 -6.74
N TYR B 110 -10.00 -11.94 -6.20
CA TYR B 110 -9.89 -13.31 -5.75
C TYR B 110 -10.96 -14.12 -6.48
N ALA B 111 -10.56 -15.21 -7.12
CA ALA B 111 -11.52 -15.98 -7.90
C ALA B 111 -12.54 -16.62 -6.98
N PRO B 112 -13.80 -16.75 -7.42
CA PRO B 112 -14.83 -17.30 -6.53
C PRO B 112 -14.52 -18.70 -6.04
N SER B 113 -13.86 -19.51 -6.85
CA SER B 113 -13.54 -20.88 -6.47
C SER B 113 -12.31 -20.98 -5.58
N GLY B 114 -11.58 -19.88 -5.39
CA GLY B 114 -10.38 -19.91 -4.60
C GLY B 114 -9.15 -20.40 -5.32
N ASN B 115 -9.28 -20.72 -6.61
CA ASN B 115 -8.16 -21.27 -7.36
C ASN B 115 -7.27 -20.20 -7.96
N TYR B 116 -7.79 -19.02 -8.23
CA TYR B 116 -7.05 -17.98 -8.94
C TYR B 116 -7.14 -16.64 -8.23
N VAL B 117 -6.15 -15.79 -8.48
CA VAL B 117 -6.20 -14.38 -8.14
C VAL B 117 -5.75 -13.57 -9.35
N ALA B 118 -6.17 -12.31 -9.39
CA ALA B 118 -5.81 -11.41 -10.48
C ALA B 118 -5.18 -10.15 -9.90
N CYS B 119 -4.43 -9.45 -10.74
CA CYS B 119 -3.79 -8.19 -10.35
C CYS B 119 -3.42 -7.42 -11.60
N GLY B 120 -3.44 -6.09 -11.48
CA GLY B 120 -3.11 -5.23 -12.59
C GLY B 120 -2.83 -3.82 -12.12
N GLY B 121 -2.26 -3.03 -13.02
CA GLY B 121 -1.87 -1.67 -12.72
C GLY B 121 -1.45 -0.89 -13.94
N LEU B 122 -0.37 -0.11 -13.82
CA LEU B 122 0.06 0.71 -14.94
C LEU B 122 0.46 -0.15 -16.13
N ASP B 123 1.11 -1.29 -15.87
CA ASP B 123 1.32 -2.25 -16.94
C ASP B 123 -0.04 -2.74 -17.43
N ASN B 124 -0.30 -2.56 -18.73
CA ASN B 124 -1.67 -2.70 -19.23
C ASN B 124 -1.98 -4.19 -19.38
N ILE B 125 -1.92 -4.90 -18.25
CA ILE B 125 -2.04 -6.36 -18.24
C ILE B 125 -2.83 -6.77 -17.01
N CYS B 126 -3.74 -7.73 -17.20
CA CYS B 126 -4.42 -8.41 -16.10
C CYS B 126 -3.77 -9.78 -15.95
N SER B 127 -2.94 -9.94 -14.92
CA SER B 127 -2.23 -11.19 -14.69
C SER B 127 -3.06 -12.11 -13.83
N ILE B 128 -3.23 -13.35 -14.27
CA ILE B 128 -4.02 -14.35 -13.56
C ILE B 128 -3.07 -15.35 -12.93
N TYR B 129 -3.19 -15.55 -11.62
CA TYR B 129 -2.31 -16.44 -10.88
C TYR B 129 -3.07 -17.69 -10.47
N ASN B 130 -2.43 -18.84 -10.66
CA ASN B 130 -2.99 -20.14 -10.28
C ASN B 130 -2.43 -20.52 -8.92
N LEU B 131 -3.33 -20.78 -7.97
CA LEU B 131 -2.94 -20.98 -6.58
C LEU B 131 -2.78 -22.44 -6.20
N LYS B 132 -3.50 -23.34 -6.85
CA LYS B 132 -3.50 -24.75 -6.51
C LYS B 132 -2.84 -25.52 -7.64
N THR B 133 -1.52 -25.61 -7.60
CA THR B 133 -0.73 -26.30 -8.59
C THR B 133 -0.19 -27.60 -8.02
N ARG B 134 0.15 -28.52 -8.92
CA ARG B 134 0.73 -29.79 -8.50
C ARG B 134 2.16 -29.65 -8.02
N GLU B 135 2.84 -28.57 -8.41
CA GLU B 135 4.24 -28.38 -8.06
C GLU B 135 4.44 -27.61 -6.76
N GLY B 136 3.36 -27.12 -6.16
CA GLY B 136 3.46 -26.53 -4.84
C GLY B 136 3.35 -25.03 -4.78
N ASN B 137 4.00 -24.33 -5.71
CA ASN B 137 4.09 -22.88 -5.68
C ASN B 137 2.98 -22.23 -6.52
N VAL B 138 2.93 -20.91 -6.49
CA VAL B 138 2.00 -20.14 -7.32
C VAL B 138 2.71 -19.77 -8.61
N ARG B 139 1.94 -19.70 -9.69
CA ARG B 139 2.48 -19.45 -11.02
C ARG B 139 1.51 -18.59 -11.79
N VAL B 140 2.03 -17.87 -12.78
CA VAL B 140 1.17 -17.11 -13.68
C VAL B 140 0.56 -18.08 -14.68
N SER B 141 -0.75 -18.01 -14.84
CA SER B 141 -1.44 -18.84 -15.81
C SER B 141 -1.70 -18.13 -17.12
N ARG B 142 -1.91 -16.81 -17.10
CA ARG B 142 -2.26 -16.09 -18.32
C ARG B 142 -2.05 -14.60 -18.12
N GLU B 143 -1.43 -13.95 -19.11
CA GLU B 143 -1.38 -12.50 -19.19
C GLU B 143 -2.35 -12.04 -20.27
N LEU B 144 -3.24 -11.13 -19.90
CA LEU B 144 -4.23 -10.58 -20.83
C LEU B 144 -3.72 -9.25 -21.34
N ALA B 145 -3.71 -9.09 -22.67
CA ALA B 145 -2.86 -8.10 -23.33
C ALA B 145 -3.55 -6.80 -23.69
N GLY B 146 -4.61 -6.86 -24.51
CA GLY B 146 -5.07 -5.66 -25.16
C GLY B 146 -5.76 -4.62 -24.31
N HIS B 147 -5.03 -3.54 -24.04
CA HIS B 147 -5.53 -2.28 -23.51
C HIS B 147 -4.54 -1.20 -23.89
N THR B 148 -5.00 0.05 -23.84
CA THR B 148 -4.16 1.21 -24.08
C THR B 148 -4.30 2.19 -22.93
N GLY B 149 -4.25 1.68 -21.72
CA GLY B 149 -4.35 2.50 -20.54
C GLY B 149 -4.28 1.64 -19.30
N TYR B 150 -3.99 2.29 -18.19
CA TYR B 150 -3.73 1.57 -16.95
C TYR B 150 -4.96 0.80 -16.50
N LEU B 151 -4.75 -0.45 -16.11
CA LEU B 151 -5.83 -1.26 -15.58
C LEU B 151 -6.20 -0.79 -14.18
N SER B 152 -7.49 -0.76 -13.88
CA SER B 152 -7.95 -0.17 -12.62
C SER B 152 -8.86 -1.07 -11.81
N CYS B 153 -9.46 -2.10 -12.39
CA CYS B 153 -10.27 -3.05 -11.62
C CYS B 153 -10.57 -4.30 -12.45
N CYS B 154 -10.31 -5.47 -11.89
CA CYS B 154 -10.63 -6.74 -12.53
C CYS B 154 -11.43 -7.60 -11.56
N ARG B 155 -12.44 -8.27 -12.08
CA ARG B 155 -13.35 -9.07 -11.25
C ARG B 155 -13.70 -10.36 -11.98
N PHE B 156 -13.34 -11.49 -11.39
CA PHE B 156 -13.65 -12.78 -11.99
C PHE B 156 -15.15 -13.00 -12.02
N LEU B 157 -15.63 -13.63 -13.09
CA LEU B 157 -16.99 -14.16 -13.13
C LEU B 157 -16.98 -15.67 -12.88
N ASP B 158 -16.29 -16.40 -13.72
CA ASP B 158 -15.99 -17.82 -13.56
C ASP B 158 -14.48 -17.98 -13.48
N ASP B 159 -14.02 -19.22 -13.49
CA ASP B 159 -12.59 -19.48 -13.52
C ASP B 159 -12.00 -19.23 -14.90
N ASN B 160 -12.83 -18.98 -15.91
CA ASN B 160 -12.37 -18.74 -17.27
C ASN B 160 -12.71 -17.37 -17.82
N GLN B 161 -13.61 -16.63 -17.18
CA GLN B 161 -14.03 -15.32 -17.65
C GLN B 161 -13.71 -14.25 -16.61
N ILE B 162 -13.05 -13.20 -17.05
CA ILE B 162 -12.74 -12.06 -16.21
C ILE B 162 -13.15 -10.78 -16.95
N VAL B 163 -13.41 -9.73 -16.18
CA VAL B 163 -13.81 -8.44 -16.73
C VAL B 163 -12.88 -7.38 -16.18
N THR B 164 -12.39 -6.51 -17.06
CA THR B 164 -11.39 -5.51 -16.71
C THR B 164 -11.93 -4.12 -16.99
N SER B 165 -11.28 -3.14 -16.36
CA SER B 165 -11.57 -1.72 -16.58
C SER B 165 -10.25 -0.97 -16.65
N SER B 166 -10.10 -0.13 -17.67
CA SER B 166 -8.83 0.51 -17.95
C SER B 166 -9.00 2.03 -18.00
N GLY B 167 -7.87 2.73 -17.87
CA GLY B 167 -7.90 4.17 -18.06
C GLY B 167 -8.35 4.54 -19.45
N ASP B 168 -7.86 3.84 -20.47
CA ASP B 168 -8.46 3.86 -21.79
C ASP B 168 -9.97 3.73 -21.68
N THR B 169 -10.69 4.47 -22.51
CA THR B 169 -12.14 4.56 -22.35
C THR B 169 -12.79 3.24 -22.73
N THR B 170 -12.53 2.18 -21.95
CA THR B 170 -12.90 0.84 -22.38
C THR B 170 -12.90 -0.10 -21.20
N CYS B 171 -13.94 -0.95 -21.14
CA CYS B 171 -13.94 -2.15 -20.32
C CYS B 171 -13.94 -3.36 -21.24
N ALA B 172 -13.42 -4.47 -20.73
CA ALA B 172 -13.23 -5.65 -21.55
C ALA B 172 -13.73 -6.90 -20.83
N LEU B 173 -14.12 -7.89 -21.62
CA LEU B 173 -14.54 -9.20 -21.10
C LEU B 173 -13.70 -10.26 -21.78
N TRP B 174 -12.83 -10.91 -21.01
CA TRP B 174 -11.83 -11.82 -21.55
C TRP B 174 -12.29 -13.27 -21.43
N ASP B 175 -11.58 -14.12 -22.17
CA ASP B 175 -11.67 -15.58 -22.02
C ASP B 175 -10.28 -16.06 -21.67
N ILE B 176 -10.10 -16.53 -20.44
CA ILE B 176 -8.76 -16.76 -19.90
C ILE B 176 -8.05 -17.88 -20.66
N GLU B 177 -8.77 -18.97 -20.94
CA GLU B 177 -8.12 -20.12 -21.57
C GLU B 177 -7.55 -19.78 -22.95
N THR B 178 -8.15 -18.81 -23.64
CA THR B 178 -7.68 -18.39 -24.96
C THR B 178 -6.83 -17.14 -24.88
N GLY B 179 -7.37 -16.05 -24.32
CA GLY B 179 -6.63 -14.82 -24.20
C GLY B 179 -7.08 -13.74 -25.15
N GLN B 180 -8.38 -13.68 -25.42
CA GLN B 180 -8.95 -12.72 -26.35
C GLN B 180 -10.05 -11.91 -25.66
N GLN B 181 -10.36 -10.77 -26.25
CA GLN B 181 -11.44 -9.91 -25.75
C GLN B 181 -12.72 -10.36 -26.43
N THR B 182 -13.51 -11.19 -25.74
CA THR B 182 -14.76 -11.66 -26.31
C THR B 182 -15.77 -10.54 -26.53
N THR B 183 -15.65 -9.45 -25.78
CA THR B 183 -16.53 -8.30 -25.96
C THR B 183 -15.87 -7.07 -25.39
N THR B 184 -15.90 -5.97 -26.14
CA THR B 184 -15.29 -4.72 -25.75
C THR B 184 -16.38 -3.68 -25.54
N PHE B 185 -16.28 -2.94 -24.43
CA PHE B 185 -17.25 -1.93 -24.05
C PHE B 185 -16.64 -0.56 -24.29
N THR B 186 -17.29 0.26 -25.12
CA THR B 186 -16.69 1.48 -25.67
C THR B 186 -17.64 2.65 -25.56
N GLY B 187 -18.18 2.89 -24.37
CA GLY B 187 -19.13 3.97 -24.21
C GLY B 187 -18.62 5.20 -23.49
N HIS B 188 -17.58 5.04 -22.68
CA HIS B 188 -17.16 6.12 -21.80
C HIS B 188 -16.32 7.15 -22.56
N THR B 189 -16.04 8.26 -21.87
CA THR B 189 -15.17 9.31 -22.39
C THR B 189 -13.92 9.51 -21.56
N GLY B 190 -13.97 9.24 -20.26
CA GLY B 190 -12.87 9.47 -19.34
C GLY B 190 -12.10 8.21 -19.01
N ASP B 191 -11.66 8.11 -17.75
CA ASP B 191 -10.85 7.00 -17.28
C ASP B 191 -11.70 6.16 -16.33
N VAL B 192 -11.93 4.89 -16.68
CA VAL B 192 -12.73 4.03 -15.82
C VAL B 192 -11.95 3.70 -14.56
N MET B 193 -12.56 3.94 -13.40
CA MET B 193 -11.88 3.80 -12.13
C MET B 193 -12.38 2.64 -11.28
N SER B 194 -13.62 2.20 -11.46
CA SER B 194 -14.17 1.19 -10.58
C SER B 194 -15.11 0.29 -11.36
N LEU B 195 -15.38 -0.89 -10.79
CA LEU B 195 -16.10 -1.95 -11.48
C LEU B 195 -16.60 -2.96 -10.46
N SER B 196 -17.91 -3.18 -10.43
CA SER B 196 -18.51 -4.15 -9.53
C SER B 196 -19.49 -5.02 -10.29
N LEU B 197 -19.50 -6.30 -9.99
CA LEU B 197 -20.32 -7.29 -10.68
C LEU B 197 -21.59 -7.55 -9.90
N ALA B 198 -22.71 -7.55 -10.59
CA ALA B 198 -23.97 -7.85 -9.94
C ALA B 198 -23.98 -9.31 -9.47
N PRO B 199 -24.70 -9.60 -8.38
CA PRO B 199 -24.75 -11.00 -7.90
C PRO B 199 -25.32 -11.96 -8.92
N ASP B 200 -26.24 -11.52 -9.78
CA ASP B 200 -26.77 -12.41 -10.81
C ASP B 200 -25.74 -12.74 -11.88
N THR B 201 -24.60 -12.05 -11.91
CA THR B 201 -23.49 -12.30 -12.80
C THR B 201 -23.87 -12.11 -14.27
N ARG B 202 -24.85 -11.25 -14.55
CA ARG B 202 -25.25 -10.94 -15.90
C ARG B 202 -25.07 -9.48 -16.29
N LEU B 203 -24.95 -8.58 -15.31
CA LEU B 203 -24.82 -7.16 -15.57
C LEU B 203 -23.72 -6.61 -14.67
N PHE B 204 -23.14 -5.48 -15.06
CA PHE B 204 -22.14 -4.84 -14.23
C PHE B 204 -22.06 -3.36 -14.56
N VAL B 205 -21.44 -2.59 -13.66
CA VAL B 205 -21.43 -1.13 -13.70
C VAL B 205 -20.01 -0.61 -13.58
N SER B 206 -19.83 0.67 -13.89
CA SER B 206 -18.52 1.30 -13.85
C SER B 206 -18.67 2.83 -13.86
N GLY B 207 -17.77 3.50 -13.16
CA GLY B 207 -17.69 4.96 -13.20
C GLY B 207 -16.33 5.38 -13.73
N ALA B 208 -16.32 6.37 -14.62
CA ALA B 208 -15.19 6.54 -15.52
C ALA B 208 -14.76 8.00 -15.66
N CYS B 209 -14.54 8.69 -14.53
CA CYS B 209 -13.86 9.98 -14.52
C CYS B 209 -14.53 11.01 -15.41
N ASP B 210 -15.85 10.90 -15.59
CA ASP B 210 -16.59 11.90 -16.33
C ASP B 210 -17.97 12.14 -15.73
N ALA B 211 -18.10 12.00 -14.41
CA ALA B 211 -19.35 12.18 -13.69
C ALA B 211 -20.45 11.26 -14.21
N SER B 212 -20.08 10.14 -14.83
CA SER B 212 -21.03 9.26 -15.48
C SER B 212 -20.84 7.84 -14.98
N ALA B 213 -21.95 7.16 -14.72
CA ALA B 213 -21.96 5.74 -14.38
C ALA B 213 -22.81 5.01 -15.40
N LYS B 214 -22.33 3.84 -15.84
CA LYS B 214 -22.94 3.15 -16.97
C LYS B 214 -23.07 1.67 -16.67
N LEU B 215 -24.30 1.17 -16.72
CA LEU B 215 -24.55 -0.26 -16.60
C LEU B 215 -24.39 -0.94 -17.95
N TRP B 216 -23.68 -2.07 -17.95
CA TRP B 216 -23.42 -2.81 -19.17
C TRP B 216 -24.09 -4.18 -19.11
N ASP B 217 -24.24 -4.80 -20.26
CA ASP B 217 -24.76 -6.16 -20.37
C ASP B 217 -23.63 -7.06 -20.83
N VAL B 218 -23.34 -8.10 -20.03
CA VAL B 218 -22.21 -8.96 -20.30
C VAL B 218 -22.39 -9.70 -21.62
N ARG B 219 -23.61 -10.19 -21.88
CA ARG B 219 -23.86 -10.98 -23.08
C ARG B 219 -24.01 -10.08 -24.31
N GLU B 220 -24.96 -9.15 -24.28
CA GLU B 220 -25.22 -8.32 -25.45
C GLU B 220 -24.04 -7.41 -25.77
N GLY B 221 -23.44 -6.81 -24.75
CA GLY B 221 -22.32 -5.91 -24.96
C GLY B 221 -22.68 -4.48 -25.26
N MET B 222 -23.90 -4.05 -24.92
CA MET B 222 -24.35 -2.69 -25.20
C MET B 222 -24.63 -1.98 -23.88
N CYS B 223 -24.15 -0.74 -23.77
CA CYS B 223 -24.43 0.08 -22.60
C CYS B 223 -25.93 0.30 -22.48
N ARG B 224 -26.49 -0.07 -21.33
CA ARG B 224 -27.94 -0.02 -21.15
C ARG B 224 -28.40 1.33 -20.60
N GLN B 225 -27.93 1.72 -19.42
CA GLN B 225 -28.24 3.01 -18.85
C GLN B 225 -27.00 3.88 -18.79
N THR B 226 -27.22 5.15 -18.46
CA THR B 226 -26.12 6.11 -18.29
C THR B 226 -26.57 7.16 -17.29
N PHE B 227 -25.99 7.13 -16.09
CA PHE B 227 -26.37 8.02 -15.00
C PHE B 227 -25.35 9.14 -14.90
N THR B 228 -25.84 10.38 -14.79
CA THR B 228 -25.01 11.57 -14.89
C THR B 228 -25.29 12.54 -13.75
N GLY B 229 -25.26 12.05 -12.52
CA GLY B 229 -25.62 12.86 -11.39
C GLY B 229 -24.49 13.56 -10.64
N HIS B 230 -23.24 13.20 -10.92
CA HIS B 230 -22.12 13.66 -10.13
C HIS B 230 -21.51 14.93 -10.71
N GLU B 231 -20.44 15.41 -10.08
CA GLU B 231 -19.76 16.63 -10.49
C GLU B 231 -18.30 16.43 -10.85
N SER B 232 -17.70 15.30 -10.52
CA SER B 232 -16.29 15.06 -10.82
C SER B 232 -16.11 13.57 -11.05
N ASP B 233 -14.86 13.11 -10.99
CA ASP B 233 -14.54 11.72 -11.29
C ASP B 233 -15.15 10.77 -10.26
N ILE B 234 -15.68 9.65 -10.74
CA ILE B 234 -16.12 8.58 -9.86
C ILE B 234 -14.92 7.72 -9.50
N ASN B 235 -14.75 7.45 -8.20
CA ASN B 235 -13.60 6.69 -7.74
C ASN B 235 -13.95 5.29 -7.26
N ALA B 236 -15.20 5.02 -6.92
CA ALA B 236 -15.59 3.70 -6.44
C ALA B 236 -17.01 3.42 -6.87
N ILE B 237 -17.36 2.13 -6.88
CA ILE B 237 -18.70 1.70 -7.23
C ILE B 237 -18.91 0.34 -6.59
N CYS B 238 -20.15 0.04 -6.23
CA CYS B 238 -20.44 -1.17 -5.48
C CYS B 238 -21.91 -1.53 -5.62
N PHE B 239 -22.19 -2.77 -6.01
CA PHE B 239 -23.56 -3.23 -6.10
C PHE B 239 -24.17 -3.47 -4.72
N PHE B 240 -25.36 -2.93 -4.51
CA PHE B 240 -26.19 -3.32 -3.40
C PHE B 240 -26.55 -4.80 -3.56
N PRO B 241 -26.69 -5.53 -2.44
CA PRO B 241 -26.89 -6.99 -2.55
C PRO B 241 -28.10 -7.39 -3.37
N ASN B 242 -29.11 -6.53 -3.52
CA ASN B 242 -30.26 -6.87 -4.33
C ASN B 242 -29.88 -7.11 -5.78
N GLY B 243 -28.87 -6.40 -6.27
CA GLY B 243 -28.60 -6.36 -7.69
C GLY B 243 -29.41 -5.35 -8.46
N ASN B 244 -30.13 -4.47 -7.74
CA ASN B 244 -30.95 -3.44 -8.37
C ASN B 244 -30.55 -2.05 -7.89
N ALA B 245 -29.27 -1.86 -7.57
CA ALA B 245 -28.76 -0.59 -7.10
C ALA B 245 -27.25 -0.63 -7.12
N PHE B 246 -26.64 0.54 -7.00
CA PHE B 246 -25.20 0.66 -6.81
C PHE B 246 -24.92 2.03 -6.21
N ALA B 247 -23.74 2.17 -5.62
CA ALA B 247 -23.35 3.38 -4.92
C ALA B 247 -21.97 3.82 -5.38
N THR B 248 -21.82 5.11 -5.62
CA THR B 248 -20.57 5.67 -6.12
C THR B 248 -20.12 6.83 -5.24
N GLY B 249 -18.86 6.80 -4.84
CA GLY B 249 -18.22 7.93 -4.19
C GLY B 249 -17.28 8.60 -5.17
N SER B 250 -17.18 9.92 -5.10
CA SER B 250 -16.48 10.69 -6.10
C SER B 250 -15.56 11.70 -5.44
N ASP B 251 -14.77 12.38 -6.27
CA ASP B 251 -13.83 13.40 -5.77
C ASP B 251 -14.54 14.60 -5.19
N ASP B 252 -15.82 14.80 -5.48
CA ASP B 252 -16.57 15.92 -4.94
C ASP B 252 -17.07 15.67 -3.52
N ALA B 253 -16.50 14.69 -2.84
CA ALA B 253 -16.80 14.36 -1.44
C ALA B 253 -18.22 13.87 -1.25
N THR B 254 -18.86 13.33 -2.28
CA THR B 254 -20.26 12.93 -2.18
C THR B 254 -20.44 11.49 -2.64
N CYS B 255 -21.24 10.74 -1.89
CA CYS B 255 -21.77 9.47 -2.34
C CYS B 255 -23.20 9.66 -2.82
N ARG B 256 -23.60 8.84 -3.78
CA ARG B 256 -24.97 8.83 -4.26
C ARG B 256 -25.40 7.39 -4.51
N LEU B 257 -26.71 7.15 -4.39
CA LEU B 257 -27.29 5.84 -4.61
C LEU B 257 -28.11 5.91 -5.89
N PHE B 258 -27.80 5.03 -6.84
CA PHE B 258 -28.52 4.94 -8.10
C PHE B 258 -29.26 3.62 -8.14
N ASP B 259 -30.46 3.62 -8.72
CA ASP B 259 -31.23 2.40 -8.90
C ASP B 259 -31.38 2.14 -10.39
N LEU B 260 -31.10 0.90 -10.79
CA LEU B 260 -31.08 0.54 -12.21
C LEU B 260 -32.44 0.66 -12.86
N ARG B 261 -33.53 0.63 -12.09
CA ARG B 261 -34.88 0.74 -12.63
C ARG B 261 -35.36 2.19 -12.65
N ALA B 262 -35.26 2.88 -11.52
CA ALA B 262 -35.76 4.24 -11.43
C ALA B 262 -35.01 5.17 -12.38
N ASP B 263 -33.70 4.98 -12.51
CA ASP B 263 -32.84 5.80 -13.37
C ASP B 263 -32.75 7.24 -12.87
N GLN B 264 -32.63 7.41 -11.55
CA GLN B 264 -32.24 8.68 -10.97
C GLN B 264 -31.24 8.39 -9.86
N GLU B 265 -30.90 9.42 -9.09
CA GLU B 265 -30.18 9.25 -7.85
C GLU B 265 -31.18 9.25 -6.70
N LEU B 266 -31.02 8.30 -5.78
CA LEU B 266 -31.95 8.17 -4.67
C LEU B 266 -31.56 9.00 -3.46
N MET B 267 -30.30 8.95 -3.03
CA MET B 267 -29.84 9.76 -1.92
C MET B 267 -28.48 10.37 -2.27
N THR B 268 -28.05 11.32 -1.44
CA THR B 268 -26.80 12.04 -1.67
C THR B 268 -26.11 12.19 -0.31
N TYR B 269 -25.02 11.45 -0.14
CA TYR B 269 -24.36 11.32 1.16
C TYR B 269 -23.33 12.43 1.27
N SER B 270 -23.61 13.47 2.05
CA SER B 270 -22.71 14.61 2.08
C SER B 270 -22.79 15.32 3.42
N HIS B 271 -21.67 15.36 4.14
CA HIS B 271 -21.50 16.20 5.31
C HIS B 271 -20.64 17.39 4.93
N ASP B 272 -21.12 18.60 5.23
CA ASP B 272 -20.43 19.80 4.78
C ASP B 272 -19.00 19.88 5.33
N ASN B 273 -18.76 19.24 6.48
CA ASN B 273 -17.41 19.20 7.02
C ASN B 273 -16.46 18.35 6.18
N ILE B 274 -16.98 17.53 5.29
CA ILE B 274 -16.15 16.65 4.47
C ILE B 274 -15.80 17.40 3.18
N ILE B 275 -14.54 17.79 3.06
CA ILE B 275 -14.04 18.38 1.81
C ILE B 275 -13.20 17.39 1.02
N CYS B 276 -12.71 16.33 1.66
CA CYS B 276 -11.89 15.32 1.00
C CYS B 276 -12.76 14.40 0.16
N GLY B 277 -12.15 13.83 -0.86
CA GLY B 277 -12.87 12.95 -1.76
C GLY B 277 -13.15 11.59 -1.16
N ILE B 278 -13.59 10.68 -2.02
CA ILE B 278 -13.97 9.33 -1.65
C ILE B 278 -13.20 8.37 -2.54
N THR B 279 -12.76 7.26 -1.97
CA THR B 279 -11.82 6.38 -2.65
C THR B 279 -12.24 4.92 -2.77
N SER B 280 -13.08 4.40 -1.87
CA SER B 280 -13.50 3.00 -1.95
C SER B 280 -14.79 2.84 -1.19
N VAL B 281 -15.77 2.17 -1.80
CA VAL B 281 -17.09 2.00 -1.21
C VAL B 281 -17.45 0.52 -1.23
N SER B 282 -17.90 0.00 -0.09
CA SER B 282 -18.44 -1.34 0.00
C SER B 282 -19.72 -1.31 0.82
N PHE B 283 -20.49 -2.39 0.74
CA PHE B 283 -21.74 -2.50 1.49
C PHE B 283 -21.68 -3.66 2.47
N SER B 284 -22.56 -3.62 3.46
CA SER B 284 -22.78 -4.74 4.35
C SER B 284 -23.71 -5.73 3.67
N LYS B 285 -24.23 -6.70 4.42
CA LYS B 285 -25.04 -7.73 3.78
C LYS B 285 -26.48 -7.28 3.60
N SER B 286 -27.08 -6.71 4.64
CA SER B 286 -28.45 -6.22 4.51
C SER B 286 -28.55 -4.98 3.64
N GLY B 287 -27.43 -4.38 3.28
CA GLY B 287 -27.44 -3.11 2.60
C GLY B 287 -27.75 -1.93 3.48
N ARG B 288 -27.90 -2.14 4.79
CA ARG B 288 -28.16 -1.04 5.70
C ARG B 288 -26.94 -0.18 5.92
N LEU B 289 -25.75 -0.70 5.66
CA LEU B 289 -24.51 0.01 5.94
C LEU B 289 -23.76 0.27 4.65
N LEU B 290 -23.29 1.50 4.50
CA LEU B 290 -22.57 1.96 3.33
C LEU B 290 -21.22 2.49 3.81
N LEU B 291 -20.19 1.66 3.70
CA LEU B 291 -18.86 2.00 4.18
C LEU B 291 -18.05 2.60 3.05
N ALA B 292 -17.44 3.75 3.31
CA ALA B 292 -16.74 4.51 2.28
C ALA B 292 -15.42 5.03 2.81
N GLY B 293 -14.34 4.77 2.08
CA GLY B 293 -13.05 5.31 2.44
C GLY B 293 -12.88 6.72 1.88
N TYR B 294 -12.29 7.58 2.70
CA TYR B 294 -12.05 8.97 2.35
C TYR B 294 -10.56 9.26 2.44
N ASP B 295 -10.14 10.31 1.76
CA ASP B 295 -8.72 10.64 1.73
C ASP B 295 -8.22 11.18 3.06
N ASP B 296 -9.11 11.61 3.95
CA ASP B 296 -8.69 12.19 5.23
C ASP B 296 -8.49 11.12 6.29
N PHE B 297 -7.74 10.09 5.94
CA PHE B 297 -7.16 9.12 6.85
C PHE B 297 -8.19 8.24 7.56
N ASN B 298 -9.47 8.30 7.18
CA ASN B 298 -10.46 7.49 7.87
C ASN B 298 -11.57 7.05 6.92
N CYS B 299 -12.30 6.03 7.35
CA CYS B 299 -13.48 5.51 6.68
C CYS B 299 -14.71 5.81 7.52
N ASN B 300 -15.84 6.00 6.88
CA ASN B 300 -17.08 6.27 7.59
C ASN B 300 -18.16 5.28 7.20
N VAL B 301 -19.03 4.98 8.18
CA VAL B 301 -20.11 4.04 8.01
C VAL B 301 -21.41 4.80 7.84
N TRP B 302 -21.80 5.03 6.59
CA TRP B 302 -23.05 5.73 6.32
C TRP B 302 -24.22 4.78 6.46
N ASP B 303 -25.40 5.37 6.64
CA ASP B 303 -26.66 4.63 6.67
C ASP B 303 -27.30 4.76 5.29
N ALA B 304 -27.60 3.64 4.66
CA ALA B 304 -28.10 3.69 3.29
C ALA B 304 -29.47 4.34 3.22
N LEU B 305 -30.46 3.73 3.86
CA LEU B 305 -31.83 4.21 3.73
C LEU B 305 -32.01 5.61 4.33
N LYS B 306 -31.48 5.83 5.53
CA LYS B 306 -31.75 7.08 6.25
C LYS B 306 -30.75 8.18 5.94
N ALA B 307 -29.57 7.83 5.42
CA ALA B 307 -28.52 8.80 5.10
C ALA B 307 -28.12 9.62 6.33
N ASP B 308 -27.62 8.90 7.33
CA ASP B 308 -27.07 9.51 8.53
C ASP B 308 -25.66 8.98 8.74
N ARG B 309 -24.71 9.88 8.96
CA ARG B 309 -23.33 9.51 9.21
C ARG B 309 -23.27 8.85 10.58
N ALA B 310 -23.42 7.53 10.61
CA ALA B 310 -23.60 6.79 11.85
C ALA B 310 -22.43 5.86 12.16
N GLY B 311 -21.22 6.30 11.92
CA GLY B 311 -20.06 5.52 12.31
C GLY B 311 -18.80 6.10 11.71
N VAL B 312 -17.70 5.90 12.42
CA VAL B 312 -16.39 6.33 11.96
C VAL B 312 -15.41 5.20 12.25
N LEU B 313 -14.49 4.96 11.32
CA LEU B 313 -13.44 3.97 11.50
C LEU B 313 -12.11 4.71 11.39
N ALA B 314 -11.67 5.26 12.52
CA ALA B 314 -10.51 6.14 12.55
C ALA B 314 -9.39 5.40 13.27
N GLY B 315 -8.61 4.65 12.50
CA GLY B 315 -7.45 3.98 13.05
C GLY B 315 -6.30 3.93 12.07
N HIS B 316 -6.50 4.50 10.89
CA HIS B 316 -5.51 4.46 9.84
C HIS B 316 -4.70 5.76 9.85
N ASP B 317 -3.38 5.62 9.80
CA ASP B 317 -2.50 6.77 9.85
C ASP B 317 -2.38 7.48 8.51
N ASN B 318 -2.84 6.87 7.42
CA ASN B 318 -2.80 7.48 6.11
C ASN B 318 -4.13 7.24 5.41
N ARG B 319 -4.18 7.55 4.12
CA ARG B 319 -5.42 7.52 3.37
C ARG B 319 -5.85 6.07 3.11
N VAL B 320 -7.07 5.73 3.54
CA VAL B 320 -7.63 4.45 3.16
C VAL B 320 -7.81 4.42 1.65
N SER B 321 -7.48 3.28 1.04
CA SER B 321 -7.60 3.16 -0.40
C SER B 321 -8.39 1.95 -0.86
N CYS B 322 -8.79 1.06 0.06
CA CYS B 322 -9.51 -0.14 -0.28
C CYS B 322 -10.33 -0.57 0.92
N LEU B 323 -11.45 -1.24 0.65
CA LEU B 323 -12.41 -1.53 1.70
C LEU B 323 -13.36 -2.62 1.21
N GLY B 324 -13.37 -3.75 1.88
CA GLY B 324 -14.20 -4.87 1.46
C GLY B 324 -14.85 -5.55 2.64
N VAL B 325 -16.01 -6.13 2.39
CA VAL B 325 -16.81 -6.80 3.41
C VAL B 325 -17.01 -8.25 2.99
N THR B 326 -17.04 -9.15 3.97
CA THR B 326 -17.06 -10.58 3.69
C THR B 326 -18.42 -11.00 3.16
N ASP B 327 -18.49 -12.26 2.73
CA ASP B 327 -19.72 -12.83 2.22
C ASP B 327 -20.67 -13.26 3.31
N ASP B 328 -20.18 -13.40 4.55
CA ASP B 328 -21.04 -13.66 5.70
C ASP B 328 -21.27 -12.42 6.55
N GLY B 329 -20.80 -11.26 6.09
CA GLY B 329 -21.06 -10.01 6.79
C GLY B 329 -20.44 -9.92 8.16
N MET B 330 -19.51 -10.82 8.48
CA MET B 330 -19.00 -10.95 9.83
C MET B 330 -17.65 -10.27 10.02
N ALA B 331 -17.03 -9.78 8.95
CA ALA B 331 -15.82 -9.00 9.06
C ALA B 331 -15.80 -7.94 7.98
N VAL B 332 -15.22 -6.79 8.30
CA VAL B 332 -14.97 -5.72 7.35
C VAL B 332 -13.50 -5.35 7.43
N ALA B 333 -12.86 -5.22 6.28
CA ALA B 333 -11.43 -5.01 6.23
C ALA B 333 -11.11 -3.75 5.46
N THR B 334 -10.13 -3.00 5.95
CA THR B 334 -9.65 -1.79 5.30
C THR B 334 -8.14 -1.87 5.17
N GLY B 335 -7.63 -1.44 4.02
CA GLY B 335 -6.22 -1.24 3.84
C GLY B 335 -5.98 0.21 3.47
N SER B 336 -4.77 0.71 3.72
CA SER B 336 -4.51 2.13 3.53
C SER B 336 -3.06 2.33 3.16
N TRP B 337 -2.72 3.57 2.82
CA TRP B 337 -1.38 3.93 2.41
C TRP B 337 -0.37 3.86 3.55
N ASP B 338 -0.79 3.45 4.74
CA ASP B 338 0.11 3.24 5.86
C ASP B 338 0.70 1.84 5.87
N SER B 339 0.50 1.08 4.81
CA SER B 339 1.05 -0.26 4.63
C SER B 339 0.44 -1.29 5.57
N PHE B 340 -0.70 -1.00 6.16
CA PHE B 340 -1.37 -1.90 7.08
C PHE B 340 -2.71 -2.33 6.52
N LEU B 341 -3.30 -3.31 7.18
CA LEU B 341 -4.54 -3.93 6.71
C LEU B 341 -5.27 -4.39 7.95
N LYS B 342 -6.24 -3.61 8.40
CA LYS B 342 -6.92 -3.85 9.66
C LYS B 342 -8.27 -4.51 9.39
N ILE B 343 -8.56 -5.58 10.13
CA ILE B 343 -9.80 -6.32 9.98
C ILE B 343 -10.71 -5.91 11.12
N TRP B 344 -11.72 -5.11 10.82
CA TRP B 344 -12.59 -4.53 11.82
C TRP B 344 -13.80 -5.42 12.04
N ASN B 345 -14.33 -5.37 13.26
CA ASN B 345 -15.53 -6.13 13.58
C ASN B 345 -16.21 -5.47 14.76
N GLY B 346 -17.52 -5.67 14.87
CA GLY B 346 -18.27 -5.13 15.98
C GLY B 346 -18.05 -5.92 17.25
N SER B 347 -18.59 -5.38 18.34
CA SER B 347 -18.46 -5.98 19.66
C SER B 347 -19.81 -6.06 20.35
N SER B 348 -19.99 -7.10 21.15
CA SER B 348 -21.25 -7.31 21.86
C SER B 348 -21.02 -7.31 23.37
N ILE C 9 -19.99 14.16 -36.81
CA ILE C 9 -20.30 13.30 -37.95
C ILE C 9 -20.59 11.88 -37.48
N ALA C 10 -19.60 11.00 -37.66
CA ALA C 10 -19.76 9.61 -37.22
C ALA C 10 -19.91 9.53 -35.70
N GLN C 11 -19.13 10.32 -34.97
CA GLN C 11 -19.25 10.34 -33.51
C GLN C 11 -20.62 10.84 -33.08
N ALA C 12 -21.13 11.87 -33.77
CA ALA C 12 -22.48 12.36 -33.46
C ALA C 12 -23.53 11.30 -33.73
N ARG C 13 -23.39 10.56 -34.83
CA ARG C 13 -24.33 9.49 -35.13
C ARG C 13 -24.28 8.39 -34.07
N LYS C 14 -23.06 8.03 -33.63
CA LYS C 14 -22.94 7.02 -32.59
C LYS C 14 -23.57 7.49 -31.28
N LEU C 15 -23.36 8.75 -30.93
CA LEU C 15 -23.95 9.29 -29.71
C LEU C 15 -25.47 9.31 -29.81
N VAL C 16 -26.00 9.69 -30.97
CA VAL C 16 -27.45 9.70 -31.16
C VAL C 16 -28.02 8.30 -31.05
N GLU C 17 -27.35 7.31 -31.64
CA GLU C 17 -27.82 5.94 -31.54
C GLU C 17 -27.78 5.45 -30.10
N GLN C 18 -26.71 5.76 -29.38
CA GLN C 18 -26.61 5.34 -27.98
C GLN C 18 -27.70 5.98 -27.13
N LEU C 19 -27.96 7.27 -27.35
CA LEU C 19 -29.04 7.93 -26.63
C LEU C 19 -30.40 7.35 -26.97
N LYS C 20 -30.65 7.04 -28.24
CA LYS C 20 -31.92 6.47 -28.64
C LYS C 20 -32.13 5.10 -28.00
N MET C 21 -31.08 4.27 -27.98
CA MET C 21 -31.22 2.94 -27.39
C MET C 21 -31.51 3.02 -25.90
N GLU C 22 -30.89 3.95 -25.19
CA GLU C 22 -31.08 4.07 -23.74
C GLU C 22 -32.28 4.93 -23.37
N ALA C 23 -32.91 5.58 -24.33
CA ALA C 23 -34.07 6.42 -24.04
C ALA C 23 -35.39 5.68 -24.13
N ASN C 24 -35.36 4.38 -24.41
CA ASN C 24 -36.58 3.61 -24.61
C ASN C 24 -36.93 2.70 -23.43
N ILE C 25 -36.15 2.73 -22.35
CA ILE C 25 -36.40 1.86 -21.22
C ILE C 25 -37.64 2.32 -20.48
N ASP C 26 -38.44 1.36 -20.01
CA ASP C 26 -39.67 1.65 -19.26
C ASP C 26 -39.33 1.67 -17.78
N ARG C 27 -38.99 2.84 -17.27
CA ARG C 27 -38.68 2.98 -15.85
C ARG C 27 -39.94 2.86 -15.00
N ILE C 28 -39.74 2.58 -13.72
CA ILE C 28 -40.82 2.46 -12.77
C ILE C 28 -40.76 3.61 -11.78
N LYS C 29 -41.76 3.68 -10.91
CA LYS C 29 -41.84 4.76 -9.94
C LYS C 29 -40.70 4.66 -8.92
N VAL C 30 -40.21 5.82 -8.51
CA VAL C 30 -39.06 5.87 -7.61
C VAL C 30 -39.42 5.34 -6.23
N SER C 31 -40.65 5.62 -5.77
CA SER C 31 -41.07 5.12 -4.47
C SER C 31 -41.03 3.61 -4.39
N LYS C 32 -41.44 2.91 -5.44
CA LYS C 32 -41.30 1.46 -5.46
C LYS C 32 -39.84 1.04 -5.44
N ALA C 33 -38.98 1.80 -6.14
CA ALA C 33 -37.56 1.49 -6.17
C ALA C 33 -36.94 1.57 -4.78
N ALA C 34 -37.32 2.59 -4.01
CA ALA C 34 -36.79 2.72 -2.65
C ALA C 34 -37.43 1.73 -1.69
N ALA C 35 -38.72 1.45 -1.88
CA ALA C 35 -39.39 0.43 -1.10
C ALA C 35 -38.78 -0.94 -1.29
N ASP C 36 -38.25 -1.23 -2.48
CA ASP C 36 -37.55 -2.50 -2.68
C ASP C 36 -36.32 -2.59 -1.77
N LEU C 37 -35.53 -1.53 -1.69
CA LEU C 37 -34.35 -1.55 -0.84
C LEU C 37 -34.73 -1.65 0.63
N MET C 38 -35.77 -0.91 1.06
CA MET C 38 -36.17 -1.00 2.45
C MET C 38 -36.74 -2.37 2.79
N ALA C 39 -37.45 -3.01 1.85
CA ALA C 39 -37.92 -4.36 2.08
C ALA C 39 -36.76 -5.34 2.19
N TYR C 40 -35.73 -5.18 1.33
CA TYR C 40 -34.55 -6.03 1.44
C TYR C 40 -33.87 -5.87 2.80
N CYS C 41 -33.72 -4.62 3.24
CA CYS C 41 -33.07 -4.37 4.53
C CYS C 41 -33.86 -4.96 5.68
N GLU C 42 -35.19 -4.84 5.64
CA GLU C 42 -36.02 -5.44 6.67
C GLU C 42 -35.92 -6.96 6.63
N ALA C 43 -35.86 -7.54 5.43
CA ALA C 43 -35.86 -8.99 5.31
C ALA C 43 -34.56 -9.61 5.82
N HIS C 44 -33.42 -9.04 5.45
CA HIS C 44 -32.12 -9.60 5.81
C HIS C 44 -31.49 -8.85 6.98
N ALA C 45 -32.30 -8.38 7.91
CA ALA C 45 -31.80 -7.57 9.01
C ALA C 45 -31.10 -8.41 10.06
N LYS C 46 -31.57 -9.62 10.30
CA LYS C 46 -31.04 -10.43 11.39
C LYS C 46 -29.75 -11.16 11.03
N GLU C 47 -29.31 -11.10 9.78
CA GLU C 47 -28.09 -11.76 9.33
C GLU C 47 -27.03 -10.74 8.93
N ASP C 48 -26.94 -9.62 9.65
CA ASP C 48 -25.97 -8.56 9.38
C ASP C 48 -25.13 -8.35 10.62
N PRO C 49 -24.01 -9.07 10.77
CA PRO C 49 -23.23 -8.98 12.01
C PRO C 49 -22.75 -7.58 12.36
N LEU C 50 -22.37 -6.77 11.37
CA LEU C 50 -21.91 -5.42 11.69
C LEU C 50 -23.07 -4.54 12.14
N LEU C 51 -24.27 -4.76 11.60
CA LEU C 51 -25.43 -4.00 12.03
C LEU C 51 -25.88 -4.43 13.42
N THR C 52 -25.95 -5.73 13.68
CA THR C 52 -26.31 -6.27 15.00
C THR C 52 -25.22 -7.20 15.49
N PRO C 53 -24.57 -6.90 16.60
CA PRO C 53 -23.43 -7.74 17.05
C PRO C 53 -23.87 -9.14 17.39
N VAL C 54 -22.95 -10.08 17.24
CA VAL C 54 -23.19 -11.49 17.52
C VAL C 54 -22.52 -11.86 18.83
N PRO C 55 -22.91 -12.97 19.47
CA PRO C 55 -22.18 -13.43 20.66
C PRO C 55 -20.72 -13.71 20.32
N ALA C 56 -19.85 -13.39 21.28
CA ALA C 56 -18.41 -13.47 21.03
C ALA C 56 -17.92 -14.90 20.77
N SER C 57 -18.68 -15.91 21.20
CA SER C 57 -18.25 -17.29 20.96
C SER C 57 -18.21 -17.60 19.47
N GLU C 58 -19.22 -17.15 18.72
CA GLU C 58 -19.27 -17.43 17.29
C GLU C 58 -18.26 -16.58 16.53
N ASN C 59 -18.03 -15.35 16.97
CA ASN C 59 -17.17 -14.42 16.25
C ASN C 59 -15.73 -14.91 16.26
N PRO C 60 -15.10 -15.12 15.11
CA PRO C 60 -13.68 -15.51 15.07
C PRO C 60 -12.71 -14.33 15.01
N PHE C 61 -13.18 -13.11 15.19
CA PHE C 61 -12.31 -11.95 15.16
C PHE C 61 -12.34 -11.21 16.50
N LEU D 26 -21.66 23.14 -19.84
CA LEU D 26 -20.93 24.34 -20.26
C LEU D 26 -21.28 24.73 -21.69
N GLN D 27 -22.21 25.68 -21.83
CA GLN D 27 -22.65 26.16 -23.13
C GLN D 27 -21.86 27.43 -23.45
N GLU D 28 -20.70 27.25 -24.07
CA GLU D 28 -19.87 28.39 -24.44
C GLU D 28 -20.42 29.07 -25.69
N SER D 29 -20.62 30.38 -25.59
CA SER D 29 -21.12 31.15 -26.72
C SER D 29 -20.88 32.63 -26.44
N GLY D 30 -20.96 33.43 -27.50
CA GLY D 30 -20.83 34.87 -27.37
C GLY D 30 -19.82 35.49 -28.30
N GLY D 31 -19.26 34.68 -29.21
CA GLY D 31 -18.25 35.18 -30.12
C GLY D 31 -18.67 35.13 -31.57
N GLY D 32 -17.74 35.38 -32.48
CA GLY D 32 -18.02 35.36 -33.90
C GLY D 32 -17.06 36.25 -34.65
N LEU D 33 -17.46 36.60 -35.87
CA LEU D 33 -16.63 37.45 -36.72
C LEU D 33 -16.53 38.86 -36.13
N VAL D 34 -15.32 39.43 -36.22
CA VAL D 34 -15.07 40.78 -35.74
C VAL D 34 -13.87 41.32 -36.49
N GLN D 35 -13.86 42.64 -36.72
CA GLN D 35 -12.75 43.28 -37.40
C GLN D 35 -11.52 43.34 -36.49
N PRO D 36 -10.33 43.45 -37.08
CA PRO D 36 -9.12 43.56 -36.25
C PRO D 36 -9.21 44.75 -35.31
N GLY D 37 -8.74 44.54 -34.08
CA GLY D 37 -8.87 45.55 -33.05
C GLY D 37 -10.26 45.70 -32.48
N GLY D 38 -11.16 44.75 -32.75
CA GLY D 38 -12.52 44.83 -32.28
C GLY D 38 -12.67 44.36 -30.83
N SER D 39 -13.92 44.37 -30.38
CA SER D 39 -14.25 44.04 -29.00
C SER D 39 -15.26 42.92 -28.96
N LEU D 40 -15.01 41.93 -28.10
CA LEU D 40 -15.89 40.79 -27.89
C LEU D 40 -15.97 40.48 -26.40
N ARG D 41 -17.06 39.86 -26.00
CA ARG D 41 -17.23 39.40 -24.62
C ARG D 41 -17.75 37.97 -24.66
N LEU D 42 -16.86 37.01 -24.49
CA LEU D 42 -17.23 35.61 -24.48
C LEU D 42 -18.01 35.26 -23.21
N SER D 43 -18.92 34.31 -23.33
CA SER D 43 -19.74 33.86 -22.22
C SER D 43 -19.64 32.35 -22.08
N CYS D 44 -19.64 31.88 -20.84
CA CYS D 44 -19.53 30.46 -20.51
C CYS D 44 -20.71 30.09 -19.63
N ALA D 45 -21.79 29.62 -20.25
CA ALA D 45 -23.01 29.26 -19.52
C ALA D 45 -22.75 28.00 -18.72
N ALA D 46 -22.71 28.14 -17.40
CA ALA D 46 -22.43 27.03 -16.49
C ALA D 46 -23.73 26.52 -15.90
N SER D 47 -23.92 25.20 -15.92
CA SER D 47 -25.18 24.58 -15.52
C SER D 47 -24.94 23.48 -14.50
N GLY D 48 -24.97 23.84 -13.22
CA GLY D 48 -25.08 22.86 -12.16
C GLY D 48 -23.86 22.00 -11.86
N PHE D 49 -22.74 22.62 -11.47
CA PHE D 49 -21.61 21.85 -10.96
C PHE D 49 -20.92 22.54 -9.79
N THR D 50 -21.70 23.23 -8.95
CA THR D 50 -21.16 23.97 -7.80
C THR D 50 -20.16 25.03 -8.27
N PHE D 51 -20.71 26.02 -8.97
CA PHE D 51 -19.93 27.01 -9.71
C PHE D 51 -18.86 27.68 -8.87
N SER D 52 -19.13 27.92 -7.58
CA SER D 52 -18.25 28.74 -6.75
C SER D 52 -17.18 27.94 -6.03
N ASN D 53 -16.79 26.78 -6.57
CA ASN D 53 -15.80 25.93 -5.92
C ASN D 53 -14.76 25.37 -6.88
N TYR D 54 -14.67 25.89 -8.10
CA TYR D 54 -13.83 25.29 -9.12
C TYR D 54 -12.94 26.32 -9.79
N LYS D 55 -11.66 25.98 -9.93
CA LYS D 55 -10.78 26.76 -10.79
C LYS D 55 -11.19 26.59 -12.25
N MET D 56 -11.15 27.68 -13.01
CA MET D 56 -11.62 27.65 -14.39
C MET D 56 -10.60 28.33 -15.29
N ASN D 57 -10.62 27.93 -16.56
CA ASN D 57 -9.62 28.37 -17.52
C ASN D 57 -10.31 28.71 -18.83
N TRP D 58 -9.57 29.38 -19.71
CA TRP D 58 -10.00 29.64 -21.08
C TRP D 58 -8.97 29.02 -22.02
N VAL D 59 -9.45 28.16 -22.92
CA VAL D 59 -8.59 27.40 -23.81
C VAL D 59 -9.12 27.55 -25.23
N ARG D 60 -8.22 27.86 -26.16
CA ARG D 60 -8.59 28.08 -27.54
C ARG D 60 -7.70 27.25 -28.45
N GLN D 61 -8.31 26.66 -29.48
CA GLN D 61 -7.59 25.86 -30.46
C GLN D 61 -7.66 26.54 -31.83
N ALA D 62 -6.51 26.81 -32.42
CA ALA D 62 -6.38 27.49 -33.69
C ALA D 62 -6.22 26.50 -34.84
N PRO D 63 -6.63 26.87 -36.05
CA PRO D 63 -6.44 25.97 -37.19
C PRO D 63 -4.97 25.61 -37.38
N GLY D 64 -4.73 24.33 -37.63
CA GLY D 64 -3.36 23.85 -37.75
C GLY D 64 -2.59 23.78 -36.46
N LYS D 65 -3.25 23.95 -35.32
CA LYS D 65 -2.60 23.97 -34.02
C LYS D 65 -3.43 23.17 -33.03
N GLY D 66 -2.80 22.83 -31.90
CA GLY D 66 -3.48 22.14 -30.83
C GLY D 66 -4.11 23.09 -29.85
N LEU D 67 -4.37 22.60 -28.64
CA LEU D 67 -4.98 23.39 -27.60
C LEU D 67 -3.93 24.13 -26.78
N GLU D 68 -4.33 25.26 -26.22
CA GLU D 68 -3.43 26.05 -25.38
C GLU D 68 -4.22 26.79 -24.32
N TRP D 69 -3.69 26.78 -23.10
CA TRP D 69 -4.26 27.57 -22.01
C TRP D 69 -4.08 29.05 -22.31
N VAL D 70 -5.05 29.85 -21.86
CA VAL D 70 -5.01 31.28 -22.12
C VAL D 70 -5.05 32.08 -20.82
N SER D 71 -6.15 31.96 -20.07
CA SER D 71 -6.32 32.69 -18.82
C SER D 71 -6.78 31.74 -17.73
N ASP D 72 -6.76 32.25 -16.49
CA ASP D 72 -7.09 31.44 -15.32
C ASP D 72 -7.59 32.36 -14.22
N ILE D 73 -8.78 32.07 -13.71
CA ILE D 73 -9.34 32.77 -12.56
C ILE D 73 -9.72 31.72 -11.51
N SER D 74 -9.34 31.97 -10.26
CA SER D 74 -9.63 31.05 -9.18
C SER D 74 -11.05 31.27 -8.66
N GLN D 75 -11.39 30.55 -7.59
CA GLN D 75 -12.74 30.63 -7.05
C GLN D 75 -12.98 31.94 -6.29
N SER D 76 -11.93 32.65 -5.91
CA SER D 76 -12.07 33.89 -5.16
C SER D 76 -12.20 35.11 -6.06
N GLY D 77 -12.04 34.96 -7.37
CA GLY D 77 -12.09 36.11 -8.25
C GLY D 77 -10.95 37.09 -8.10
N ALA D 78 -9.92 36.73 -7.34
CA ALA D 78 -8.77 37.59 -7.12
C ALA D 78 -7.47 37.03 -7.67
N SER D 79 -7.39 35.74 -7.96
CA SER D 79 -6.20 35.14 -8.52
C SER D 79 -6.35 35.04 -10.03
N ILE D 80 -5.40 35.61 -10.76
CA ILE D 80 -5.44 35.64 -12.22
C ILE D 80 -4.07 35.21 -12.76
N SER D 81 -4.09 34.72 -13.99
CA SER D 81 -2.87 34.33 -14.69
C SER D 81 -3.12 34.38 -16.18
N TYR D 82 -2.09 34.77 -16.93
CA TYR D 82 -2.19 34.92 -18.37
C TYR D 82 -0.99 34.25 -19.03
N THR D 83 -0.97 34.30 -20.37
CA THR D 83 0.07 33.65 -21.15
C THR D 83 1.21 34.59 -21.52
N GLY D 84 0.91 35.85 -21.81
CA GLY D 84 1.90 36.75 -22.35
C GLY D 84 1.47 37.23 -23.73
N SER D 85 0.90 36.32 -24.52
CA SER D 85 0.36 36.70 -25.81
C SER D 85 -0.97 37.45 -25.69
N VAL D 86 -1.63 37.35 -24.54
CA VAL D 86 -2.88 38.08 -24.31
C VAL D 86 -2.82 38.78 -22.96
N LYS D 87 -1.60 38.92 -22.42
CA LYS D 87 -1.43 39.32 -21.02
C LYS D 87 -2.00 40.71 -20.78
N GLY D 88 -1.58 41.69 -21.58
CA GLY D 88 -2.02 43.05 -21.38
C GLY D 88 -3.23 43.47 -22.17
N ARG D 89 -3.90 42.52 -22.83
CA ARG D 89 -4.96 42.86 -23.77
C ARG D 89 -6.32 42.27 -23.41
N PHE D 90 -6.37 41.01 -23.00
CA PHE D 90 -7.63 40.36 -22.66
C PHE D 90 -7.70 40.12 -21.16
N THR D 91 -8.89 40.28 -20.60
CA THR D 91 -9.10 40.16 -19.15
C THR D 91 -10.17 39.11 -18.88
N ILE D 92 -9.92 38.27 -17.87
CA ILE D 92 -10.85 37.24 -17.44
C ILE D 92 -11.62 37.75 -16.23
N SER D 93 -12.82 37.23 -16.04
CA SER D 93 -13.67 37.66 -14.94
C SER D 93 -14.58 36.51 -14.53
N ARG D 94 -15.21 36.66 -13.37
CA ARG D 94 -16.07 35.64 -12.80
C ARG D 94 -17.40 36.26 -12.39
N ASP D 95 -18.45 35.45 -12.46
CA ASP D 95 -19.79 35.86 -12.02
C ASP D 95 -20.39 34.71 -11.20
N ASN D 96 -20.13 34.73 -9.90
CA ASN D 96 -20.58 33.63 -9.05
C ASN D 96 -22.09 33.63 -8.89
N ALA D 97 -22.70 34.80 -8.70
CA ALA D 97 -24.13 34.86 -8.48
C ALA D 97 -24.91 34.35 -9.68
N LYS D 98 -24.46 34.70 -10.89
CA LYS D 98 -25.12 34.28 -12.11
C LYS D 98 -24.54 32.98 -12.67
N ASN D 99 -23.50 32.43 -12.03
CA ASN D 99 -22.84 31.21 -12.50
C ASN D 99 -22.41 31.36 -13.96
N THR D 100 -21.52 32.32 -14.20
CA THR D 100 -21.11 32.65 -15.55
C THR D 100 -19.65 33.08 -15.54
N LEU D 101 -18.95 32.78 -16.63
CA LEU D 101 -17.57 33.17 -16.83
C LEU D 101 -17.48 34.09 -18.03
N TYR D 102 -16.55 35.03 -17.98
CA TYR D 102 -16.43 36.06 -19.00
C TYR D 102 -14.98 36.18 -19.46
N LEU D 103 -14.82 36.76 -20.65
CA LEU D 103 -13.49 37.06 -21.20
C LEU D 103 -13.64 38.26 -22.12
N GLN D 104 -12.95 39.35 -21.80
CA GLN D 104 -13.11 40.62 -22.50
C GLN D 104 -12.07 40.74 -23.60
N MET D 105 -12.50 41.21 -24.76
CA MET D 105 -11.66 41.35 -25.94
C MET D 105 -11.58 42.82 -26.34
N ASN D 106 -10.37 43.30 -26.63
CA ASN D 106 -10.24 44.68 -27.10
C ASN D 106 -9.36 44.82 -28.33
N SER D 107 -8.33 44.00 -28.45
CA SER D 107 -7.25 44.25 -29.41
C SER D 107 -6.85 42.98 -30.14
N LEU D 108 -7.84 42.30 -30.73
CA LEU D 108 -7.56 41.07 -31.46
C LEU D 108 -6.55 41.30 -32.58
N LYS D 109 -6.01 40.20 -33.08
CA LYS D 109 -5.03 40.23 -34.16
C LYS D 109 -5.11 38.90 -34.90
N PRO D 110 -4.55 38.81 -36.12
CA PRO D 110 -4.69 37.57 -36.90
C PRO D 110 -4.14 36.33 -36.22
N GLU D 111 -3.45 36.46 -35.08
CA GLU D 111 -2.98 35.29 -34.34
C GLU D 111 -4.04 34.74 -33.39
N ASP D 112 -5.21 35.37 -33.29
CA ASP D 112 -6.26 34.95 -32.38
C ASP D 112 -7.39 34.21 -33.08
N THR D 113 -7.22 33.87 -34.36
CA THR D 113 -8.26 33.15 -35.10
C THR D 113 -8.32 31.72 -34.58
N ALA D 114 -9.34 31.43 -33.77
CA ALA D 114 -9.43 30.14 -33.12
C ALA D 114 -10.83 29.96 -32.54
N VAL D 115 -11.21 28.70 -32.32
CA VAL D 115 -12.38 28.37 -31.53
C VAL D 115 -12.00 28.46 -30.06
N TYR D 116 -12.96 28.84 -29.22
CA TYR D 116 -12.70 29.09 -27.81
C TYR D 116 -13.51 28.15 -26.94
N TYR D 117 -12.85 27.58 -25.93
CA TYR D 117 -13.46 26.59 -25.05
C TYR D 117 -13.34 27.04 -23.61
N CYS D 118 -14.41 26.86 -22.85
CA CYS D 118 -14.44 27.20 -21.43
C CYS D 118 -14.20 25.94 -20.62
N ALA D 119 -13.10 25.91 -19.87
CA ALA D 119 -12.66 24.70 -19.18
C ALA D 119 -12.93 24.80 -17.69
N ARG D 120 -12.94 23.64 -17.04
CA ARG D 120 -13.12 23.52 -15.60
C ARG D 120 -12.04 22.62 -15.02
N CYS D 121 -11.54 22.99 -13.85
CA CYS D 121 -10.54 22.16 -13.18
C CYS D 121 -11.19 20.86 -12.71
N PRO D 122 -10.49 19.73 -12.81
CA PRO D 122 -11.11 18.43 -12.48
C PRO D 122 -11.71 18.36 -11.08
N ALA D 123 -10.90 18.63 -10.06
CA ALA D 123 -11.35 18.44 -8.69
C ALA D 123 -11.61 19.78 -8.01
N PRO D 124 -12.56 19.84 -7.09
CA PRO D 124 -12.83 21.09 -6.36
C PRO D 124 -11.86 21.28 -5.20
N PHE D 125 -11.71 22.55 -4.81
CA PHE D 125 -10.87 22.96 -3.69
C PHE D 125 -9.41 22.57 -3.89
N THR D 126 -8.95 22.52 -5.13
CA THR D 126 -7.59 22.16 -5.46
C THR D 126 -6.91 23.26 -6.26
N ARG D 127 -5.59 23.32 -6.15
CA ARG D 127 -4.79 24.29 -6.89
C ARG D 127 -4.13 23.69 -8.12
N ASP D 128 -4.35 22.41 -8.40
CA ASP D 128 -3.75 21.73 -9.54
C ASP D 128 -4.82 21.40 -10.58
N CYS D 129 -4.55 21.78 -11.83
CA CYS D 129 -5.41 21.44 -12.96
C CYS D 129 -4.53 20.83 -14.03
N PHE D 130 -4.75 19.55 -14.34
CA PHE D 130 -3.82 18.76 -15.14
C PHE D 130 -4.19 18.74 -16.62
N ASP D 131 -5.40 18.27 -16.93
CA ASP D 131 -5.75 17.81 -18.27
C ASP D 131 -6.68 18.78 -19.00
N VAL D 132 -6.56 20.09 -18.72
CA VAL D 132 -7.47 21.04 -19.34
C VAL D 132 -7.26 21.11 -20.85
N THR D 133 -6.01 20.96 -21.31
CA THR D 133 -5.68 21.08 -22.72
C THR D 133 -5.52 19.72 -23.40
N SER D 134 -6.05 18.65 -22.79
CA SER D 134 -5.85 17.32 -23.34
C SER D 134 -6.67 17.13 -24.61
N THR D 135 -6.32 16.09 -25.36
CA THR D 135 -7.00 15.81 -26.63
C THR D 135 -8.48 15.54 -26.39
N THR D 136 -8.80 14.77 -25.35
CA THR D 136 -10.18 14.53 -24.96
C THR D 136 -10.34 14.87 -23.48
N TYR D 137 -11.30 15.72 -23.17
CA TYR D 137 -11.56 16.11 -21.78
C TYR D 137 -13.06 16.18 -21.57
N ALA D 138 -13.48 15.94 -20.33
CA ALA D 138 -14.90 15.83 -20.01
C ALA D 138 -15.54 17.19 -19.73
N TYR D 139 -14.95 17.97 -18.82
CA TYR D 139 -15.56 19.22 -18.36
C TYR D 139 -15.06 20.39 -19.19
N ARG D 140 -15.50 20.40 -20.45
CA ARG D 140 -15.20 21.48 -21.38
C ARG D 140 -16.45 21.84 -22.17
N GLY D 141 -16.51 23.10 -22.61
CA GLY D 141 -17.65 23.56 -23.36
C GLY D 141 -17.65 23.05 -24.78
N GLN D 142 -18.75 23.32 -25.48
CA GLN D 142 -18.89 22.89 -26.86
C GLN D 142 -17.91 23.61 -27.77
N GLY D 143 -17.71 24.90 -27.57
CA GLY D 143 -16.82 25.68 -28.40
C GLY D 143 -17.50 26.85 -29.08
N THR D 144 -16.82 28.00 -29.12
CA THR D 144 -17.35 29.21 -29.75
C THR D 144 -16.36 29.67 -30.81
N GLN D 145 -16.87 29.95 -32.01
CA GLN D 145 -16.03 30.35 -33.11
C GLN D 145 -15.76 31.85 -33.07
N VAL D 146 -14.49 32.22 -33.25
CA VAL D 146 -14.07 33.62 -33.29
C VAL D 146 -13.02 33.76 -34.39
N THR D 147 -13.27 34.67 -35.34
CA THR D 147 -12.41 34.83 -36.49
C THR D 147 -12.07 36.30 -36.69
N VAL D 148 -10.85 36.55 -37.17
CA VAL D 148 -10.34 37.90 -37.40
C VAL D 148 -10.23 38.13 -38.89
N SER D 149 -10.80 39.23 -39.37
CA SER D 149 -10.76 39.58 -40.78
C SER D 149 -9.96 40.86 -41.01
N PRO E 27 11.21 23.00 49.43
CA PRO E 27 10.60 21.91 50.19
C PRO E 27 10.66 20.58 49.44
N GLU E 28 10.41 19.48 50.15
CA GLU E 28 10.42 18.16 49.51
C GLU E 28 9.19 17.98 48.64
N GLU E 29 8.04 18.50 49.09
CA GLU E 29 6.78 18.22 48.42
C GLU E 29 6.76 18.78 46.99
N ILE E 30 7.25 20.00 46.81
CA ILE E 30 7.25 20.60 45.48
C ILE E 30 8.15 19.81 44.54
N PHE E 31 9.33 19.40 45.01
CA PHE E 31 10.24 18.62 44.18
C PHE E 31 9.63 17.27 43.82
N PHE E 32 8.93 16.64 44.77
CA PHE E 32 8.29 15.36 44.49
C PHE E 32 7.17 15.52 43.46
N THR E 33 6.35 16.57 43.60
CA THR E 33 5.30 16.82 42.63
C THR E 33 5.90 17.06 41.25
N ILE E 34 7.03 17.77 41.19
CA ILE E 34 7.74 17.93 39.93
C ILE E 34 8.16 16.57 39.38
N SER E 35 8.55 15.65 40.27
CA SER E 35 8.96 14.32 39.82
C SER E 35 7.81 13.55 39.18
N ILE E 36 6.63 13.57 39.82
CA ILE E 36 5.48 12.92 39.19
C ILE E 36 5.10 13.61 37.89
N VAL E 37 5.14 14.95 37.86
CA VAL E 37 4.83 15.67 36.62
C VAL E 37 5.78 15.23 35.51
N GLY E 38 7.07 15.13 35.82
CA GLY E 38 8.04 14.74 34.82
C GLY E 38 7.87 13.30 34.36
N VAL E 39 7.61 12.39 35.28
CA VAL E 39 7.46 10.99 34.87
C VAL E 39 6.19 10.80 34.06
N LEU E 40 5.18 11.64 34.28
CA LEU E 40 3.97 11.55 33.47
C LEU E 40 4.26 11.83 32.00
N GLU E 41 5.18 12.75 31.72
CA GLU E 41 5.52 13.05 30.32
C GLU E 41 6.12 11.84 29.63
N ASN E 42 7.04 11.13 30.30
CA ASN E 42 7.57 9.90 29.72
C ASN E 42 6.48 8.84 29.60
N LEU E 43 5.59 8.77 30.58
CA LEU E 43 4.49 7.80 30.48
C LEU E 43 3.67 8.05 29.22
N ILE E 44 3.32 9.30 28.95
CA ILE E 44 2.52 9.59 27.77
C ILE E 44 3.32 9.43 26.47
N VAL E 45 4.63 9.71 26.49
CA VAL E 45 5.45 9.48 25.31
C VAL E 45 5.50 7.99 24.98
N LEU E 46 5.77 7.14 25.98
CA LEU E 46 5.77 5.71 25.73
C LEU E 46 4.39 5.20 25.35
N LEU E 47 3.33 5.85 25.84
CA LEU E 47 1.99 5.49 25.37
C LEU E 47 1.82 5.83 23.89
N ALA E 48 2.35 6.96 23.45
CA ALA E 48 2.31 7.31 22.03
C ALA E 48 3.09 6.29 21.20
N VAL E 49 4.28 5.91 21.68
CA VAL E 49 5.03 4.84 21.03
C VAL E 49 4.34 3.50 21.28
N PHE E 50 4.56 2.56 20.36
CA PHE E 50 4.03 1.20 20.41
C PHE E 50 2.52 1.17 20.29
N LYS E 51 1.85 2.32 20.22
CA LYS E 51 0.43 2.41 19.91
C LYS E 51 0.16 3.02 18.55
N ASN E 52 1.01 3.94 18.09
CA ASN E 52 0.98 4.41 16.71
C ASN E 52 1.86 3.46 15.92
N LYS E 53 1.22 2.58 15.13
CA LYS E 53 1.91 1.48 14.49
C LYS E 53 2.84 1.91 13.36
N ASN E 54 3.04 3.21 13.15
CA ASN E 54 3.86 3.68 12.04
C ASN E 54 5.25 4.15 12.48
N LEU E 55 5.42 4.51 13.74
CA LEU E 55 6.68 5.08 14.22
C LEU E 55 7.56 4.02 14.88
N GLN E 56 8.08 3.12 14.06
CA GLN E 56 9.05 2.12 14.50
C GLN E 56 10.44 2.39 13.92
N ALA E 57 10.76 3.64 13.64
CA ALA E 57 12.10 4.00 13.19
C ALA E 57 13.06 4.00 14.37
N PRO E 58 14.34 3.69 14.13
CA PRO E 58 15.31 3.63 15.23
C PRO E 58 15.43 4.91 16.03
N MET E 59 15.15 6.08 15.43
CA MET E 59 15.25 7.32 16.19
C MET E 59 14.24 7.36 17.33
N TYR E 60 13.03 6.88 17.10
CA TYR E 60 12.03 6.83 18.15
C TYR E 60 12.34 5.79 19.21
N PHE E 61 12.99 4.69 18.84
CA PHE E 61 13.46 3.75 19.85
C PHE E 61 14.56 4.35 20.72
N PHE E 62 15.46 5.15 20.11
CA PHE E 62 16.42 5.87 20.94
C PHE E 62 15.74 6.91 21.81
N ILE E 63 14.66 7.52 21.33
CA ILE E 63 13.87 8.42 22.17
C ILE E 63 13.30 7.68 23.37
N CYS E 64 12.75 6.48 23.16
CA CYS E 64 12.19 5.73 24.28
C CYS E 64 13.29 5.24 25.21
N SER E 65 14.49 4.97 24.67
CA SER E 65 15.63 4.66 25.53
C SER E 65 16.01 5.85 26.40
N LEU E 66 15.93 7.06 25.85
CA LEU E 66 16.12 8.25 26.66
C LEU E 66 15.06 8.33 27.75
N ALA E 67 13.82 8.01 27.41
CA ALA E 67 12.73 8.10 28.39
C ALA E 67 12.89 7.07 29.52
N ILE E 68 13.37 5.87 29.20
CA ILE E 68 13.61 4.87 30.22
C ILE E 68 14.68 5.35 31.19
N SER E 69 15.74 5.98 30.67
CA SER E 69 16.74 6.57 31.54
C SER E 69 16.19 7.72 32.35
N ASP E 70 15.22 8.46 31.81
CA ASP E 70 14.53 9.46 32.62
C ASP E 70 13.79 8.82 33.79
N MET E 71 13.13 7.69 33.54
CA MET E 71 12.54 6.91 34.62
C MET E 71 13.58 6.51 35.65
N LEU E 72 14.70 5.97 35.20
CA LEU E 72 15.70 5.44 36.14
C LEU E 72 16.41 6.56 36.87
N GLY E 73 16.42 7.77 36.32
CA GLY E 73 17.00 8.89 37.03
C GLY E 73 16.03 9.53 38.00
N SER E 74 14.74 9.54 37.67
CA SER E 74 13.74 10.14 38.55
C SER E 74 13.38 9.22 39.72
N LEU E 75 13.37 7.91 39.49
CA LEU E 75 13.19 6.99 40.61
C LEU E 75 14.34 7.09 41.60
N TYR E 76 15.51 7.53 41.14
CA TYR E 76 16.60 7.81 42.07
C TYR E 76 16.25 8.92 43.05
N LYS E 77 15.58 9.98 42.57
CA LYS E 77 15.10 11.02 43.48
C LYS E 77 13.97 10.50 44.35
N ILE E 78 13.07 9.70 43.76
CA ILE E 78 11.97 9.13 44.54
C ILE E 78 12.52 8.28 45.68
N LEU E 79 13.67 7.64 45.47
CA LEU E 79 14.31 6.84 46.51
C LEU E 79 14.59 7.66 47.75
N GLU E 80 14.82 8.97 47.61
CA GLU E 80 14.99 9.82 48.77
C GLU E 80 13.71 9.87 49.61
N ASN E 81 12.56 9.91 48.95
CA ASN E 81 11.26 9.95 49.62
C ASN E 81 11.15 11.13 50.58
N ALA E 102 18.30 1.72 52.51
CA ALA E 102 19.71 1.66 52.91
C ALA E 102 20.48 2.85 52.33
N ASP E 103 21.44 3.34 53.11
CA ASP E 103 22.25 4.48 52.67
C ASP E 103 23.06 4.11 51.42
N ASP E 104 23.65 2.91 51.39
CA ASP E 104 24.36 2.48 50.19
C ASP E 104 23.41 2.32 49.01
N ILE E 105 22.23 1.74 49.24
CA ILE E 105 21.24 1.62 48.18
C ILE E 105 20.73 2.99 47.77
N ILE E 106 20.77 3.97 48.69
CA ILE E 106 20.31 5.32 48.38
C ILE E 106 21.16 6.01 47.32
N ASP E 107 22.35 5.49 47.03
CA ASP E 107 23.20 6.07 46.00
C ASP E 107 23.76 5.02 45.04
N SER E 108 23.38 3.76 45.19
CA SER E 108 23.89 2.69 44.33
C SER E 108 23.45 2.84 42.88
N LEU E 109 22.21 3.27 42.64
CA LEU E 109 21.69 3.38 41.28
C LEU E 109 21.78 4.80 40.74
N PHE E 110 22.49 5.69 41.43
CA PHE E 110 22.63 7.06 40.96
C PHE E 110 23.42 7.14 39.66
N VAL E 111 24.26 6.16 39.38
CA VAL E 111 25.17 6.25 38.24
C VAL E 111 24.70 5.34 37.11
N LEU E 112 24.11 4.19 37.45
CA LEU E 112 23.64 3.29 36.40
C LEU E 112 22.48 3.87 35.61
N SER E 113 21.90 4.98 36.07
CA SER E 113 20.84 5.68 35.36
C SER E 113 21.37 6.92 34.66
N LEU E 114 22.21 7.69 35.34
CA LEU E 114 22.77 8.90 34.76
C LEU E 114 23.84 8.58 33.72
N LEU E 115 24.27 7.33 33.62
CA LEU E 115 25.08 6.92 32.49
C LEU E 115 24.24 6.58 31.28
N GLY E 116 23.08 5.96 31.49
CA GLY E 116 22.15 5.76 30.39
C GLY E 116 21.63 7.06 29.83
N SER E 117 21.30 8.01 30.70
CA SER E 117 20.75 9.29 30.27
C SER E 117 21.79 10.21 29.65
N ILE E 118 23.03 9.75 29.47
CA ILE E 118 24.00 10.45 28.66
C ILE E 118 24.43 9.64 27.45
N PHE E 119 24.57 8.31 27.59
CA PHE E 119 24.87 7.48 26.43
C PHE E 119 23.73 7.52 25.42
N SER E 120 22.49 7.56 25.89
CA SER E 120 21.36 7.68 24.98
C SER E 120 21.40 8.99 24.20
N LEU E 121 21.76 10.10 24.87
CA LEU E 121 21.86 11.38 24.19
C LEU E 121 22.96 11.35 23.13
N SER E 122 24.11 10.80 23.48
CA SER E 122 25.17 10.61 22.49
C SER E 122 24.70 9.76 21.32
N VAL E 123 23.91 8.71 21.59
CA VAL E 123 23.43 7.84 20.53
C VAL E 123 22.49 8.60 19.61
N ILE E 124 21.61 9.44 20.17
CA ILE E 124 20.75 10.27 19.34
C ILE E 124 21.58 11.21 18.47
N ALA E 125 22.61 11.83 19.05
CA ALA E 125 23.43 12.75 18.27
C ALA E 125 24.13 12.04 17.13
N ALA E 126 24.70 10.87 17.39
CA ALA E 126 25.36 10.12 16.32
C ALA E 126 24.40 9.65 15.26
N ASP E 127 23.19 9.24 15.66
CA ASP E 127 22.19 8.83 14.68
C ASP E 127 21.82 9.99 13.77
N ARG E 128 21.61 11.18 14.34
CA ARG E 128 21.28 12.33 13.53
C ARG E 128 22.43 12.69 12.59
N TYR E 129 23.66 12.63 13.09
CA TYR E 129 24.80 12.95 12.24
C TYR E 129 24.92 11.97 11.09
N ILE E 130 24.72 10.69 11.35
CA ILE E 130 24.80 9.71 10.28
C ILE E 130 23.68 9.95 9.27
N THR E 131 22.48 10.29 9.73
CA THR E 131 21.39 10.55 8.79
C THR E 131 21.68 11.77 7.91
N ILE E 132 22.22 12.84 8.48
CA ILE E 132 22.47 14.03 7.68
C ILE E 132 23.61 13.81 6.70
N PHE E 133 24.72 13.26 7.17
CA PHE E 133 25.93 13.25 6.36
C PHE E 133 26.16 11.96 5.59
N HIS E 134 25.33 10.95 5.80
CA HIS E 134 25.35 9.71 5.03
C HIS E 134 23.93 9.35 4.63
N ALA E 135 23.21 10.35 4.12
CA ALA E 135 21.77 10.22 3.96
C ALA E 135 21.40 9.07 3.04
N LEU E 136 22.11 8.92 1.93
CA LEU E 136 21.76 7.88 0.97
C LEU E 136 22.12 6.50 1.48
N ARG E 137 23.32 6.34 2.02
CA ARG E 137 23.74 5.05 2.58
C ARG E 137 23.49 4.96 4.07
N TYR E 138 22.27 5.27 4.50
CA TYR E 138 21.89 5.05 5.89
C TYR E 138 20.68 4.14 6.03
N HIS E 139 19.61 4.43 5.29
CA HIS E 139 18.39 3.64 5.37
C HIS E 139 18.65 2.19 5.04
N SER E 140 19.71 1.91 4.28
CA SER E 140 20.07 0.56 3.88
C SER E 140 20.98 -0.12 4.88
N ILE E 141 21.87 0.64 5.52
CA ILE E 141 22.90 0.04 6.37
C ILE E 141 22.43 -0.04 7.82
N VAL E 142 22.01 1.09 8.39
CA VAL E 142 21.63 1.09 9.80
C VAL E 142 20.17 0.66 9.94
N THR E 143 19.96 -0.62 10.27
CA THR E 143 18.64 -1.20 10.32
C THR E 143 18.25 -1.53 11.76
N MET E 144 17.02 -2.02 11.91
CA MET E 144 16.49 -2.38 13.23
C MET E 144 16.89 -3.81 13.58
N ARG E 145 18.16 -4.08 13.39
CA ARG E 145 18.92 -5.22 13.88
C ARG E 145 20.21 -4.80 14.53
N ARG E 146 20.87 -3.78 13.98
CA ARG E 146 21.95 -3.08 14.66
C ARG E 146 21.41 -2.08 15.67
N THR E 147 20.23 -1.51 15.43
CA THR E 147 19.62 -0.65 16.42
C THR E 147 19.37 -1.41 17.71
N VAL E 148 18.91 -2.66 17.61
CA VAL E 148 18.64 -3.47 18.80
C VAL E 148 19.93 -3.67 19.59
N VAL E 149 21.01 -4.05 18.92
CA VAL E 149 22.23 -4.37 19.65
C VAL E 149 22.81 -3.12 20.28
N VAL E 150 22.77 -1.99 19.57
CA VAL E 150 23.26 -0.75 20.17
C VAL E 150 22.43 -0.38 21.38
N LEU E 151 21.10 -0.47 21.28
CA LEU E 151 20.25 -0.03 22.37
C LEU E 151 20.31 -0.99 23.56
N THR E 152 20.70 -2.24 23.34
CA THR E 152 20.94 -3.13 24.48
C THR E 152 22.29 -2.85 25.12
N VAL E 153 23.34 -2.72 24.31
CA VAL E 153 24.68 -2.53 24.85
C VAL E 153 24.80 -1.22 25.60
N ILE E 154 24.04 -0.19 25.19
CA ILE E 154 24.14 1.08 25.90
C ILE E 154 23.67 0.92 27.35
N TRP E 155 22.55 0.21 27.56
CA TRP E 155 22.14 -0.07 28.93
C TRP E 155 23.09 -1.04 29.61
N THR E 156 23.66 -1.98 28.86
CA THR E 156 24.52 -2.99 29.46
C THR E 156 25.76 -2.35 30.09
N PHE E 157 26.41 -1.47 29.34
CA PHE E 157 27.58 -0.79 29.86
C PHE E 157 27.24 0.09 31.06
N CYS E 158 26.08 0.77 31.00
CA CYS E 158 25.69 1.64 32.10
C CYS E 158 25.41 0.84 33.37
N THR E 159 24.72 -0.29 33.24
CA THR E 159 24.51 -1.15 34.40
C THR E 159 25.82 -1.70 34.94
N GLY E 160 26.73 -2.09 34.04
CA GLY E 160 28.03 -2.57 34.50
C GLY E 160 28.80 -1.51 35.26
N THR E 161 28.79 -0.28 34.76
CA THR E 161 29.42 0.83 35.47
C THR E 161 28.74 1.09 36.81
N GLY E 162 27.41 1.01 36.85
CA GLY E 162 26.71 1.21 38.11
C GLY E 162 27.06 0.16 39.15
N ILE E 163 27.18 -1.09 38.73
CA ILE E 163 27.47 -2.15 39.69
C ILE E 163 28.95 -2.18 40.06
N THR E 164 29.83 -1.67 39.19
CA THR E 164 31.24 -1.54 39.55
C THR E 164 31.55 -0.23 40.25
N MET E 165 30.56 0.67 40.35
CA MET E 165 30.74 1.87 41.15
C MET E 165 30.99 1.53 42.61
N VAL E 166 30.26 0.54 43.14
CA VAL E 166 30.45 0.15 44.53
C VAL E 166 31.78 -0.56 44.75
N ILE E 167 32.40 -1.07 43.69
CA ILE E 167 33.68 -1.76 43.83
C ILE E 167 34.75 -0.81 44.33
N PHE E 168 34.80 0.39 43.76
CA PHE E 168 35.77 1.42 44.10
C PHE E 168 35.10 2.70 44.57
N SER E 169 34.13 2.57 45.48
CA SER E 169 33.34 3.73 45.89
C SER E 169 34.21 4.82 46.50
N HIS E 170 35.01 4.47 47.50
CA HIS E 170 35.87 5.47 48.15
C HIS E 170 37.24 5.50 47.50
N HIS E 171 37.25 5.59 46.16
CA HIS E 171 38.47 5.58 45.37
C HIS E 171 38.41 6.69 44.33
N VAL E 172 39.55 6.94 43.69
CA VAL E 172 39.66 7.99 42.68
C VAL E 172 38.99 7.61 41.35
N PRO E 173 38.98 6.35 40.90
CA PRO E 173 38.30 6.08 39.61
C PRO E 173 36.82 6.41 39.63
N THR E 174 36.16 6.35 40.79
CA THR E 174 34.76 6.74 40.85
C THR E 174 34.59 8.23 40.55
N VAL E 175 35.66 9.00 40.71
CA VAL E 175 35.63 10.41 40.33
C VAL E 175 36.08 10.55 38.89
N ILE E 176 37.20 9.91 38.53
CA ILE E 176 37.82 10.14 37.24
C ILE E 176 36.95 9.61 36.11
N THR E 177 36.47 8.37 36.24
CA THR E 177 35.65 7.79 35.19
C THR E 177 34.35 8.57 35.00
N PHE E 178 33.73 8.98 36.11
CA PHE E 178 32.50 9.74 36.02
C PHE E 178 32.72 11.16 35.49
N THR E 179 33.87 11.78 35.78
CA THR E 179 34.16 13.09 35.22
C THR E 179 34.78 12.99 33.84
N SER E 180 34.97 11.79 33.33
CA SER E 180 35.20 11.64 31.91
C SER E 180 33.94 11.95 31.11
N LEU E 181 32.78 11.52 31.61
CA LEU E 181 31.55 11.59 30.83
C LEU E 181 31.26 12.99 30.32
N PHE E 182 31.25 13.97 31.22
CA PHE E 182 30.94 15.32 30.76
C PHE E 182 31.90 15.81 29.69
N PRO E 183 33.23 15.68 29.82
CA PRO E 183 34.12 16.12 28.73
C PRO E 183 33.90 15.45 27.38
N LEU E 184 34.00 14.12 27.29
CA LEU E 184 33.92 13.55 25.95
C LEU E 184 32.51 13.62 25.39
N MET E 185 31.50 13.58 26.25
CA MET E 185 30.12 13.70 25.79
C MET E 185 29.61 15.13 25.82
N LEU E 186 30.48 16.11 26.00
CA LEU E 186 30.18 17.46 25.54
C LEU E 186 30.95 17.80 24.29
N VAL E 187 32.15 17.26 24.11
CA VAL E 187 32.87 17.47 22.86
C VAL E 187 32.24 16.71 21.70
N PHE E 188 31.72 15.50 21.94
CA PHE E 188 31.07 14.73 20.89
C PHE E 188 29.64 15.17 20.63
N ILE E 189 29.05 15.95 21.54
CA ILE E 189 27.75 16.56 21.28
C ILE E 189 27.88 18.00 20.82
N LEU E 190 29.07 18.60 20.90
CA LEU E 190 29.34 19.86 20.23
C LEU E 190 29.78 19.62 18.79
N CYS E 191 30.76 18.75 18.59
CA CYS E 191 31.34 18.52 17.27
C CYS E 191 30.34 17.94 16.27
N LEU E 192 29.21 17.42 16.73
CA LEU E 192 28.18 16.93 15.82
C LEU E 192 27.11 17.97 15.55
N TYR E 193 26.53 18.54 16.60
CA TYR E 193 25.49 19.53 16.41
C TYR E 193 25.99 20.80 15.74
N VAL E 194 27.15 21.31 16.15
CA VAL E 194 27.68 22.52 15.53
C VAL E 194 28.08 22.25 14.08
N HIS E 195 28.68 21.08 13.82
CA HIS E 195 29.01 20.72 12.44
C HIS E 195 27.78 20.56 11.58
N MET E 196 26.67 20.09 12.15
CA MET E 196 25.41 20.06 11.42
C MET E 196 24.90 21.46 11.15
N PHE E 197 25.09 22.37 12.09
CA PHE E 197 24.72 23.77 11.88
C PHE E 197 25.49 24.37 10.72
N LEU E 198 26.79 24.06 10.64
CA LEU E 198 27.63 24.60 9.57
C LEU E 198 27.19 24.12 8.20
N LEU E 199 26.40 23.05 8.11
CA LEU E 199 25.85 22.61 6.84
C LEU E 199 24.41 23.08 6.64
N ALA E 200 23.64 23.21 7.71
CA ALA E 200 22.31 23.78 7.61
C ALA E 200 22.35 25.25 7.25
N ARG E 201 23.47 25.93 7.48
CA ARG E 201 23.67 27.29 6.99
C ARG E 201 24.14 27.33 5.55
N SER E 202 25.05 26.44 5.15
CA SER E 202 25.47 26.33 3.77
C SER E 202 24.33 25.90 2.85
N HIS E 203 23.31 25.24 3.38
CA HIS E 203 22.09 24.95 2.63
C HIS E 203 21.09 26.09 2.66
N THR E 204 21.01 26.82 3.77
CA THR E 204 20.11 27.97 3.84
C THR E 204 20.57 29.08 2.90
N ARG E 205 21.88 29.22 2.69
CA ARG E 205 22.38 30.20 1.74
C ARG E 205 21.87 29.91 0.33
N LYS E 206 22.00 28.65 -0.12
CA LYS E 206 21.62 28.31 -1.48
C LYS E 206 20.12 28.46 -1.73
N ILE E 207 19.29 28.34 -0.69
CA ILE E 207 17.86 28.47 -0.86
C ILE E 207 17.48 29.94 -1.00
N ALA E 213 23.94 30.06 10.22
CA ALA E 213 23.63 31.46 10.45
C ALA E 213 22.14 31.71 10.35
N ASN E 214 21.38 30.65 10.13
CA ASN E 214 19.93 30.76 10.11
C ASN E 214 19.40 31.07 11.50
N MET E 215 18.35 31.89 11.56
CA MET E 215 17.81 32.31 12.84
C MET E 215 17.28 31.13 13.64
N LYS E 216 16.65 30.17 12.98
CA LYS E 216 16.07 29.03 13.67
C LYS E 216 17.05 27.88 13.84
N GLY E 217 18.30 28.05 13.43
CA GLY E 217 19.31 27.03 13.65
C GLY E 217 19.95 27.16 15.02
N ALA E 218 20.36 28.39 15.37
CA ALA E 218 20.90 28.64 16.69
C ALA E 218 19.88 28.44 17.80
N ILE E 219 18.63 28.84 17.58
CA ILE E 219 17.61 28.73 18.62
C ILE E 219 17.28 27.28 18.94
N THR E 220 17.73 26.33 18.12
CA THR E 220 17.57 24.91 18.45
C THR E 220 18.89 24.20 18.62
N LEU E 221 20.02 24.85 18.34
CA LEU E 221 21.30 24.30 18.75
C LEU E 221 21.65 24.65 20.19
N THR E 222 21.57 25.94 20.53
CA THR E 222 21.85 26.38 21.88
C THR E 222 20.93 25.73 22.90
N ILE E 223 19.68 25.42 22.55
CA ILE E 223 18.83 24.74 23.51
C ILE E 223 19.31 23.33 23.77
N LEU E 224 19.36 22.49 22.74
CA LEU E 224 19.77 21.09 22.94
C LEU E 224 21.15 20.97 23.56
N LEU E 225 22.02 21.95 23.40
CA LEU E 225 23.33 21.85 24.02
C LEU E 225 23.44 22.52 25.38
N GLY E 226 22.92 23.73 25.53
CA GLY E 226 23.01 24.43 26.79
C GLY E 226 22.15 23.82 27.88
N VAL E 227 21.03 23.20 27.50
CA VAL E 227 20.26 22.48 28.51
C VAL E 227 21.07 21.33 29.06
N PHE E 228 21.69 20.55 28.18
CA PHE E 228 22.54 19.45 28.63
C PHE E 228 23.66 19.96 29.53
N ILE E 229 24.33 21.04 29.11
CA ILE E 229 25.43 21.58 29.91
C ILE E 229 24.93 22.14 31.25
N PHE E 230 24.05 23.13 31.24
CA PHE E 230 23.56 23.76 32.45
C PHE E 230 22.60 22.89 33.23
N CYS E 231 22.47 21.61 32.87
CA CYS E 231 21.92 20.65 33.81
C CYS E 231 22.98 19.72 34.37
N TRP E 232 23.83 19.11 33.53
CA TRP E 232 24.69 18.05 34.02
C TRP E 232 26.04 18.55 34.51
N ALA E 233 26.54 19.65 33.96
CA ALA E 233 27.86 20.15 34.34
C ALA E 233 28.04 20.36 35.84
N PRO E 234 27.08 20.92 36.59
CA PRO E 234 27.33 21.11 38.02
C PRO E 234 27.64 19.82 38.77
N PHE E 235 27.00 18.71 38.41
CA PHE E 235 27.26 17.46 39.13
C PHE E 235 28.69 16.97 38.89
N VAL E 236 29.15 17.02 37.64
CA VAL E 236 30.51 16.58 37.37
C VAL E 236 31.52 17.56 37.94
N LEU E 237 31.16 18.85 38.01
CA LEU E 237 32.03 19.83 38.65
C LEU E 237 32.17 19.52 40.13
N HIS E 238 31.07 19.13 40.79
CA HIS E 238 31.16 18.72 42.18
C HIS E 238 32.00 17.45 42.32
N VAL E 239 31.84 16.51 41.39
CA VAL E 239 32.66 15.31 41.42
C VAL E 239 34.13 15.66 41.31
N LEU E 240 34.45 16.66 40.49
CA LEU E 240 35.83 17.14 40.40
C LEU E 240 36.28 17.80 41.70
N LEU E 241 35.40 18.57 42.33
CA LEU E 241 35.77 19.30 43.53
C LEU E 241 35.99 18.39 44.73
N MET E 242 35.29 17.24 44.80
CA MET E 242 35.68 16.22 45.77
C MET E 242 36.91 15.44 45.36
N THR E 243 37.71 15.98 44.46
CA THR E 243 39.10 15.57 44.30
C THR E 243 40.06 16.74 44.40
N PHE E 244 39.62 17.95 44.05
CA PHE E 244 40.51 19.10 43.97
C PHE E 244 40.44 20.04 45.17
N CYS E 245 39.34 20.08 45.92
CA CYS E 245 39.20 21.02 47.05
C CYS E 245 38.33 20.42 48.14
N PRO E 246 38.84 19.47 48.90
CA PRO E 246 38.15 19.02 50.11
C PRO E 246 38.33 19.93 51.30
N SER E 247 39.15 20.99 51.17
CA SER E 247 39.50 21.84 52.29
C SER E 247 38.90 23.25 52.19
N ASN E 248 38.63 23.73 50.99
CA ASN E 248 38.17 25.10 50.81
C ASN E 248 36.81 25.30 51.47
N PRO E 249 36.66 26.29 52.34
CA PRO E 249 35.30 26.60 52.85
C PRO E 249 34.33 26.98 51.75
N TYR E 250 34.81 27.61 50.68
CA TYR E 250 33.95 27.87 49.54
C TYR E 250 33.46 26.58 48.92
N CYS E 251 34.33 25.58 48.82
CA CYS E 251 33.91 24.29 48.29
C CYS E 251 32.93 23.59 49.25
N ALA E 252 33.14 23.76 50.56
CA ALA E 252 32.17 23.23 51.52
C ALA E 252 30.81 23.89 51.34
N CYS E 253 30.79 25.20 51.12
CA CYS E 253 29.54 25.89 50.83
C CYS E 253 28.92 25.38 49.54
N TYR E 254 29.74 25.08 48.53
CA TYR E 254 29.23 24.51 47.30
C TYR E 254 28.56 23.17 47.55
N MET E 255 29.21 22.30 48.33
CA MET E 255 28.64 20.99 48.61
C MET E 255 27.40 21.07 49.50
N SER E 256 27.29 22.13 50.30
CA SER E 256 26.08 22.32 51.09
C SER E 256 24.84 22.47 50.21
N LEU E 257 25.02 22.79 48.93
CA LEU E 257 23.93 22.85 47.96
C LEU E 257 23.83 21.58 47.13
N PHE E 258 24.16 20.42 47.70
CA PHE E 258 24.03 19.17 46.98
C PHE E 258 22.58 18.91 46.58
N GLN E 259 21.64 19.21 47.47
CA GLN E 259 20.23 19.06 47.14
C GLN E 259 19.83 19.99 46.00
N VAL E 260 20.35 21.22 46.02
CA VAL E 260 20.05 22.16 44.94
C VAL E 260 20.58 21.64 43.61
N ASN E 261 21.81 21.11 43.61
CA ASN E 261 22.38 20.56 42.38
C ASN E 261 21.77 19.23 41.98
N GLY E 262 21.05 18.57 42.88
CA GLY E 262 20.31 17.38 42.50
C GLY E 262 18.97 17.74 41.91
N MET E 263 18.42 18.86 42.35
CA MET E 263 17.14 19.32 41.83
C MET E 263 17.20 19.49 40.33
N LEU E 264 18.25 20.11 39.82
CA LEU E 264 18.42 20.23 38.38
C LEU E 264 18.53 18.86 37.73
N ILE E 265 19.56 18.09 38.07
CA ILE E 265 19.83 16.83 37.40
C ILE E 265 18.67 15.86 37.44
N MET E 266 17.73 16.00 38.37
CA MET E 266 16.49 15.25 38.29
C MET E 266 15.30 16.06 37.74
N CYS E 267 15.49 17.33 37.42
CA CYS E 267 14.44 18.03 36.67
C CYS E 267 14.67 17.98 35.17
N ASN E 268 15.92 17.86 34.73
CA ASN E 268 16.26 17.72 33.32
C ASN E 268 15.49 16.57 32.66
N ALA E 269 14.92 15.66 33.45
CA ALA E 269 14.13 14.58 32.90
C ALA E 269 12.73 15.00 32.47
N VAL E 270 12.35 16.26 32.71
CA VAL E 270 11.11 16.79 32.14
C VAL E 270 11.41 17.83 31.06
N ILE E 271 12.67 17.92 30.63
CA ILE E 271 13.01 18.75 29.49
C ILE E 271 13.60 17.87 28.39
N ASP E 272 14.24 16.78 28.78
CA ASP E 272 14.75 15.83 27.77
C ASP E 272 13.64 15.25 26.91
N PRO E 273 12.52 14.76 27.46
CA PRO E 273 11.41 14.38 26.59
C PRO E 273 10.75 15.55 25.91
N PHE E 274 10.83 16.74 26.49
CA PHE E 274 10.26 17.92 25.84
C PHE E 274 11.06 18.32 24.61
N ILE E 275 12.36 18.00 24.58
CA ILE E 275 13.27 18.48 23.55
C ILE E 275 13.65 17.38 22.57
N TYR E 276 14.33 16.34 23.05
CA TYR E 276 14.83 15.30 22.14
C TYR E 276 13.74 14.36 21.67
N ALA E 277 12.55 14.41 22.24
CA ALA E 277 11.50 13.42 21.98
C ALA E 277 10.29 14.01 21.28
N PHE E 278 9.65 15.01 21.87
CA PHE E 278 8.41 15.54 21.33
C PHE E 278 8.66 16.69 20.37
N ARG E 279 9.56 16.47 19.43
CA ARG E 279 9.84 17.44 18.39
C ARG E 279 9.64 16.87 17.00
N SER E 280 9.41 15.56 16.88
CA SER E 280 9.06 14.97 15.60
C SER E 280 7.69 15.45 15.14
N PRO E 281 7.53 15.80 13.86
CA PRO E 281 6.22 16.25 13.39
C PRO E 281 5.13 15.20 13.54
N GLU E 282 5.47 13.92 13.35
CA GLU E 282 4.47 12.86 13.50
C GLU E 282 4.03 12.71 14.94
N LEU E 283 4.97 12.74 15.88
CA LEU E 283 4.65 12.58 17.30
C LEU E 283 4.02 13.83 17.89
N ARG E 284 4.02 14.95 17.18
CA ARG E 284 3.39 16.16 17.70
C ARG E 284 1.90 15.96 17.90
N ASP E 285 1.23 15.32 16.93
CA ASP E 285 -0.19 15.02 17.08
C ASP E 285 -0.41 13.90 18.09
N ALA E 286 0.45 12.89 18.07
CA ALA E 286 0.31 11.76 18.99
C ALA E 286 0.64 12.17 20.41
N VAL F 39 5.75 -34.34 -10.64
CA VAL F 39 6.09 -34.67 -9.28
C VAL F 39 6.62 -36.09 -9.20
N GLN F 40 7.79 -36.27 -8.62
CA GLN F 40 8.41 -37.59 -8.57
C GLN F 40 9.44 -37.63 -7.45
N LEU F 41 9.20 -38.49 -6.47
CA LEU F 41 10.16 -38.76 -5.40
C LEU F 41 10.71 -40.16 -5.59
N VAL F 42 12.03 -40.28 -5.66
CA VAL F 42 12.70 -41.57 -5.75
C VAL F 42 13.72 -41.66 -4.62
N GLU F 43 13.78 -42.82 -3.97
CA GLU F 43 14.64 -43.05 -2.83
C GLU F 43 15.73 -44.05 -3.18
N SER F 44 16.86 -43.94 -2.49
CA SER F 44 17.99 -44.82 -2.69
C SER F 44 18.52 -45.26 -1.32
N GLY F 45 19.17 -46.41 -1.31
CA GLY F 45 19.70 -46.95 -0.07
C GLY F 45 20.40 -48.27 -0.27
N GLY F 46 20.28 -49.18 0.70
CA GLY F 46 20.95 -50.45 0.62
C GLY F 46 20.03 -51.58 1.02
N GLY F 47 20.40 -52.79 0.60
CA GLY F 47 19.55 -53.93 0.77
C GLY F 47 20.00 -54.93 1.82
N LEU F 48 21.29 -54.96 2.11
CA LEU F 48 21.83 -55.91 3.07
C LEU F 48 22.76 -55.19 4.04
N VAL F 49 22.61 -55.50 5.33
CA VAL F 49 23.48 -54.93 6.35
C VAL F 49 23.50 -55.89 7.54
N GLN F 50 24.66 -56.00 8.18
CA GLN F 50 24.81 -56.88 9.32
C GLN F 50 24.28 -56.21 10.59
N PRO F 51 23.82 -57.00 11.55
CA PRO F 51 23.26 -56.42 12.78
C PRO F 51 24.29 -55.53 13.47
N GLY F 52 23.88 -54.30 13.76
CA GLY F 52 24.82 -53.30 14.22
C GLY F 52 25.54 -52.70 13.03
N GLY F 53 25.58 -51.38 12.94
CA GLY F 53 26.16 -50.68 11.81
C GLY F 53 25.30 -49.52 11.41
N SER F 54 25.63 -48.92 10.27
CA SER F 54 24.93 -47.72 9.84
C SER F 54 24.84 -47.68 8.32
N ARG F 55 23.73 -47.14 7.83
CA ARG F 55 23.57 -46.82 6.42
C ARG F 55 22.92 -45.46 6.29
N LYS F 56 23.05 -44.87 5.10
CA LYS F 56 22.45 -43.58 4.80
C LYS F 56 21.51 -43.73 3.62
N LEU F 57 20.28 -43.27 3.78
CA LEU F 57 19.31 -43.26 2.71
C LEU F 57 19.33 -41.92 2.00
N SER F 58 18.54 -41.82 0.93
CA SER F 58 18.41 -40.58 0.20
C SER F 58 17.02 -40.51 -0.44
N CYS F 59 16.61 -39.30 -0.79
CA CYS F 59 15.32 -39.10 -1.45
C CYS F 59 15.45 -37.85 -2.33
N SER F 60 15.66 -38.07 -3.62
CA SER F 60 15.85 -36.97 -4.56
C SER F 60 14.50 -36.57 -5.15
N ALA F 61 14.08 -35.35 -4.87
CA ALA F 61 12.86 -34.82 -5.45
C ALA F 61 13.11 -34.25 -6.83
N SER F 62 12.09 -34.30 -7.69
CA SER F 62 12.22 -33.77 -9.03
C SER F 62 10.83 -33.43 -9.55
N GLY F 63 10.50 -32.14 -9.53
CA GLY F 63 9.27 -31.71 -10.17
C GLY F 63 8.35 -30.89 -9.29
N PHE F 64 8.86 -30.36 -8.18
CA PHE F 64 8.05 -29.51 -7.33
C PHE F 64 8.96 -28.64 -6.47
N ALA F 65 8.36 -27.63 -5.84
CA ALA F 65 9.10 -26.72 -4.98
C ALA F 65 9.48 -27.41 -3.67
N PHE F 66 10.62 -28.08 -3.67
CA PHE F 66 11.05 -28.87 -2.51
C PHE F 66 11.28 -28.00 -1.28
N SER F 67 11.72 -26.77 -1.46
CA SER F 67 12.08 -25.92 -0.34
C SER F 67 10.88 -25.47 0.47
N SER F 68 9.66 -25.62 -0.06
CA SER F 68 8.45 -25.23 0.63
C SER F 68 7.66 -26.40 1.17
N PHE F 69 8.15 -27.62 1.01
CA PHE F 69 7.43 -28.82 1.41
C PHE F 69 8.13 -29.47 2.60
N GLY F 70 7.39 -29.67 3.69
CA GLY F 70 7.88 -30.52 4.74
C GLY F 70 7.94 -31.97 4.31
N MET F 71 8.86 -32.72 4.89
CA MET F 71 9.09 -34.08 4.44
C MET F 71 9.07 -35.05 5.62
N HIS F 72 8.50 -36.22 5.38
CA HIS F 72 8.35 -37.28 6.36
C HIS F 72 9.07 -38.53 5.87
N TRP F 73 9.20 -39.50 6.78
CA TRP F 73 9.68 -40.83 6.46
C TRP F 73 8.74 -41.83 7.10
N VAL F 74 8.30 -42.82 6.33
CA VAL F 74 7.38 -43.85 6.81
C VAL F 74 7.90 -45.20 6.35
N ARG F 75 7.99 -46.14 7.28
CA ARG F 75 8.50 -47.46 6.96
C ARG F 75 7.38 -48.49 7.03
N GLN F 76 7.70 -49.73 6.66
CA GLN F 76 6.71 -50.79 6.60
C GLN F 76 7.43 -52.12 6.72
N ALA F 77 7.12 -52.88 7.79
CA ALA F 77 7.66 -54.21 7.96
C ALA F 77 7.28 -55.09 6.77
N PRO F 78 7.93 -56.23 6.59
CA PRO F 78 7.71 -57.02 5.37
C PRO F 78 6.26 -57.41 5.13
N GLU F 79 5.50 -57.71 6.19
CA GLU F 79 4.11 -58.12 6.02
C GLU F 79 3.18 -57.42 7.01
N LYS F 80 3.59 -56.29 7.56
CA LYS F 80 2.80 -55.54 8.53
C LYS F 80 2.48 -54.16 7.97
N GLY F 81 1.88 -53.32 8.82
CA GLY F 81 1.45 -52.01 8.41
C GLY F 81 2.58 -51.00 8.42
N LEU F 82 2.19 -49.74 8.24
CA LEU F 82 3.15 -48.65 8.19
C LEU F 82 3.52 -48.19 9.59
N GLU F 83 4.62 -47.45 9.68
CA GLU F 83 5.09 -46.91 10.96
C GLU F 83 5.91 -45.67 10.69
N TRP F 84 5.44 -44.52 11.18
CA TRP F 84 6.13 -43.25 10.97
C TRP F 84 7.45 -43.25 11.73
N VAL F 85 8.49 -42.66 11.12
CA VAL F 85 9.83 -42.84 11.66
C VAL F 85 10.61 -41.52 11.79
N ALA F 86 10.16 -40.45 11.16
CA ALA F 86 10.89 -39.19 11.22
C ALA F 86 10.05 -38.06 10.66
N TYR F 87 10.61 -36.85 10.69
CA TYR F 87 9.99 -35.65 10.14
C TYR F 87 11.01 -34.51 10.13
N ILE F 88 11.02 -33.74 9.04
CA ILE F 88 11.71 -32.46 8.98
C ILE F 88 10.80 -31.48 8.24
N SER F 89 10.69 -30.28 8.78
CA SER F 89 9.77 -29.28 8.24
C SER F 89 10.47 -28.38 7.23
N SER F 90 9.67 -27.54 6.58
CA SER F 90 10.21 -26.56 5.65
C SER F 90 11.04 -25.53 6.41
N GLY F 91 12.25 -25.27 5.92
CA GLY F 91 13.18 -24.45 6.65
C GLY F 91 14.02 -25.18 7.66
N SER F 92 13.81 -26.48 7.84
CA SER F 92 14.57 -27.31 8.77
C SER F 92 14.53 -26.76 10.19
N GLY F 93 13.36 -26.29 10.60
CA GLY F 93 13.19 -25.72 11.92
C GLY F 93 12.75 -26.72 12.96
N THR F 94 11.67 -27.45 12.68
CA THR F 94 11.08 -28.39 13.62
C THR F 94 11.32 -29.81 13.13
N ILE F 95 11.88 -30.63 14.02
CA ILE F 95 12.21 -32.03 13.72
C ILE F 95 11.61 -32.92 14.79
N TYR F 96 10.96 -33.99 14.39
CA TYR F 96 10.39 -34.97 15.29
C TYR F 96 10.98 -36.35 14.98
N TYR F 97 10.68 -37.30 15.85
CA TYR F 97 11.19 -38.66 15.69
C TYR F 97 10.22 -39.63 16.34
N ALA F 98 10.39 -40.90 16.02
CA ALA F 98 9.59 -41.96 16.60
C ALA F 98 10.28 -42.49 17.85
N ASP F 99 9.47 -42.98 18.80
CA ASP F 99 10.03 -43.47 20.04
C ASP F 99 10.89 -44.71 19.84
N THR F 100 10.62 -45.49 18.80
CA THR F 100 11.39 -46.70 18.53
C THR F 100 12.78 -46.40 17.98
N VAL F 101 12.99 -45.22 17.41
CA VAL F 101 14.26 -44.87 16.81
C VAL F 101 14.73 -43.51 17.32
N LYS F 102 14.31 -43.16 18.54
CA LYS F 102 14.42 -41.79 19.02
C LYS F 102 15.85 -41.26 19.00
N GLY F 103 16.84 -42.13 19.14
CA GLY F 103 18.19 -41.62 19.29
C GLY F 103 19.17 -42.01 18.21
N ARG F 104 18.99 -43.18 17.62
CA ARG F 104 19.99 -43.72 16.70
C ARG F 104 19.72 -43.38 15.24
N PHE F 105 18.63 -42.67 14.94
CA PHE F 105 18.31 -42.25 13.58
C PHE F 105 18.42 -40.74 13.50
N THR F 106 18.94 -40.25 12.37
CA THR F 106 19.12 -38.82 12.15
C THR F 106 18.53 -38.44 10.80
N ILE F 107 17.69 -37.41 10.79
CA ILE F 107 17.09 -36.88 9.57
C ILE F 107 17.79 -35.58 9.20
N SER F 108 17.91 -35.33 7.91
CA SER F 108 18.60 -34.14 7.42
C SER F 108 17.88 -33.65 6.16
N ARG F 109 18.48 -32.67 5.49
CA ARG F 109 17.83 -32.01 4.37
C ARG F 109 18.84 -31.13 3.65
N ASP F 110 18.69 -31.04 2.33
CA ASP F 110 19.54 -30.19 1.49
C ASP F 110 18.66 -29.56 0.41
N ASP F 111 18.16 -28.35 0.70
CA ASP F 111 17.26 -27.69 -0.24
C ASP F 111 17.91 -27.34 -1.58
N PRO F 112 19.12 -26.78 -1.64
CA PRO F 112 19.71 -26.49 -2.95
C PRO F 112 19.89 -27.73 -3.83
N LYS F 113 20.16 -28.89 -3.25
CA LYS F 113 20.35 -30.09 -4.03
C LYS F 113 19.07 -30.90 -4.25
N ASN F 114 17.97 -30.52 -3.60
CA ASN F 114 16.72 -31.27 -3.63
C ASN F 114 16.95 -32.74 -3.27
N THR F 115 17.40 -32.96 -2.04
CA THR F 115 17.63 -34.31 -1.55
C THR F 115 17.31 -34.38 -0.06
N LEU F 116 16.64 -35.44 0.35
CA LEU F 116 16.31 -35.68 1.75
C LEU F 116 17.11 -36.88 2.25
N PHE F 117 17.57 -36.79 3.50
CA PHE F 117 18.51 -37.75 4.04
C PHE F 117 17.99 -38.34 5.33
N LEU F 118 18.42 -39.57 5.61
CA LEU F 118 18.14 -40.21 6.89
C LEU F 118 19.31 -41.12 7.24
N GLN F 119 19.94 -40.87 8.40
CA GLN F 119 20.98 -41.73 8.91
C GLN F 119 20.37 -42.80 9.81
N MET F 120 20.88 -44.02 9.71
CA MET F 120 20.39 -45.14 10.49
C MET F 120 21.57 -45.84 11.14
N THR F 121 21.95 -45.42 12.35
CA THR F 121 23.08 -46.01 13.05
C THR F 121 22.60 -47.03 14.06
N SER F 122 23.42 -48.07 14.25
CA SER F 122 23.14 -49.16 15.19
C SER F 122 21.81 -49.85 14.86
N LEU F 123 21.78 -50.46 13.68
CA LEU F 123 20.55 -51.07 13.19
C LEU F 123 20.19 -52.31 13.99
N ARG F 124 18.91 -52.63 13.99
CA ARG F 124 18.36 -53.73 14.75
C ARG F 124 17.44 -54.56 13.87
N SER F 125 16.97 -55.69 14.41
CA SER F 125 16.09 -56.57 13.66
C SER F 125 14.72 -55.93 13.43
N GLU F 126 14.31 -55.03 14.30
CA GLU F 126 13.07 -54.30 14.09
C GLU F 126 13.20 -53.23 13.04
N ASP F 127 14.31 -53.17 12.30
CA ASP F 127 14.53 -52.16 11.27
C ASP F 127 14.54 -52.74 9.87
N THR F 128 14.04 -53.95 9.69
CA THR F 128 13.91 -54.56 8.37
C THR F 128 12.56 -54.15 7.80
N ALA F 129 12.57 -53.21 6.87
CA ALA F 129 11.34 -52.61 6.40
C ALA F 129 11.57 -51.97 5.04
N MET F 130 10.49 -51.45 4.46
CA MET F 130 10.53 -50.70 3.21
C MET F 130 10.20 -49.26 3.54
N TYR F 131 11.16 -48.36 3.33
CA TYR F 131 11.08 -46.99 3.82
C TYR F 131 10.58 -46.07 2.71
N TYR F 132 9.56 -45.27 3.03
CA TYR F 132 8.89 -44.42 2.07
C TYR F 132 9.18 -42.95 2.36
N CYS F 133 9.38 -42.18 1.30
CA CYS F 133 9.61 -40.75 1.37
C CYS F 133 8.28 -40.06 1.06
N VAL F 134 7.74 -39.32 2.03
CA VAL F 134 6.39 -38.78 1.92
C VAL F 134 6.46 -37.27 1.98
N ARG F 135 5.73 -36.62 1.07
CA ARG F 135 5.70 -35.18 0.91
C ARG F 135 4.50 -34.59 1.62
N SER F 136 4.68 -33.43 2.24
CA SER F 136 3.59 -32.82 2.99
C SER F 136 3.81 -31.31 3.09
N ILE F 137 2.72 -30.56 2.95
CA ILE F 137 2.75 -29.11 3.11
C ILE F 137 1.61 -28.72 4.04
N TYR F 138 1.79 -27.59 4.73
CA TYR F 138 0.82 -27.13 5.73
C TYR F 138 0.56 -25.64 5.55
N TYR F 139 -0.58 -25.30 4.98
CA TYR F 139 -1.15 -23.98 5.07
C TYR F 139 -2.66 -24.15 5.09
N TYR F 140 -3.39 -23.05 5.11
CA TYR F 140 -4.83 -23.16 5.16
C TYR F 140 -5.36 -23.87 3.92
N GLY F 141 -5.91 -25.06 4.10
CA GLY F 141 -6.50 -25.79 2.99
C GLY F 141 -5.54 -26.64 2.19
N SER F 142 -4.49 -27.14 2.80
CA SER F 142 -3.51 -27.97 2.10
C SER F 142 -3.94 -29.43 2.10
N SER F 143 -3.13 -30.26 1.45
CA SER F 143 -3.36 -31.70 1.38
C SER F 143 -2.08 -32.41 1.80
N PRO F 144 -1.86 -32.59 3.10
CA PRO F 144 -0.66 -33.28 3.56
C PRO F 144 -0.63 -34.74 3.15
N PHE F 145 0.58 -35.28 3.06
CA PHE F 145 0.82 -36.66 2.67
C PHE F 145 0.30 -36.95 1.27
N ASP F 146 0.41 -35.96 0.38
CA ASP F 146 -0.19 -36.08 -0.94
C ASP F 146 0.61 -36.98 -1.86
N PHE F 147 1.93 -36.96 -1.77
CA PHE F 147 2.77 -37.76 -2.64
C PHE F 147 3.61 -38.73 -1.83
N TRP F 148 3.60 -39.99 -2.23
CA TRP F 148 4.40 -41.04 -1.64
C TRP F 148 5.33 -41.60 -2.70
N GLY F 149 6.60 -41.70 -2.38
CA GLY F 149 7.55 -42.32 -3.29
C GLY F 149 7.38 -43.82 -3.35
N GLN F 150 8.22 -44.46 -4.16
CA GLN F 150 8.15 -45.89 -4.36
C GLN F 150 8.99 -46.68 -3.37
N GLY F 151 9.73 -46.02 -2.49
CA GLY F 151 10.34 -46.67 -1.36
C GLY F 151 11.61 -47.44 -1.71
N THR F 152 12.32 -47.83 -0.66
CA THR F 152 13.54 -48.60 -0.78
C THR F 152 13.54 -49.71 0.27
N THR F 153 14.12 -50.84 -0.08
CA THR F 153 14.15 -52.00 0.80
C THR F 153 15.36 -51.97 1.70
N LEU F 154 15.24 -52.61 2.87
CA LEU F 154 16.32 -52.70 3.84
C LEU F 154 16.14 -53.99 4.63
N THR F 155 17.22 -54.76 4.76
CA THR F 155 17.18 -56.03 5.47
C THR F 155 18.29 -56.09 6.50
N VAL F 156 17.97 -56.64 7.67
CA VAL F 156 18.93 -56.87 8.75
C VAL F 156 18.84 -58.33 9.14
N SER F 157 19.97 -59.02 9.14
CA SER F 157 20.01 -60.45 9.41
C SER F 157 19.52 -60.77 10.82
N ASP F 175 0.40 -41.30 23.17
CA ASP F 175 0.42 -41.93 21.85
C ASP F 175 -0.92 -42.57 21.55
N ILE F 176 -1.66 -41.99 20.61
CA ILE F 176 -2.95 -42.54 20.23
C ILE F 176 -2.75 -43.90 19.58
N VAL F 177 -3.64 -44.83 19.90
CA VAL F 177 -3.61 -46.17 19.32
C VAL F 177 -4.87 -46.35 18.48
N MET F 178 -4.69 -46.71 17.21
CA MET F 178 -5.81 -46.83 16.29
C MET F 178 -5.88 -48.25 15.78
N THR F 179 -7.08 -48.83 15.85
CA THR F 179 -7.32 -50.22 15.50
C THR F 179 -8.24 -50.31 14.29
N GLN F 180 -8.04 -51.36 13.49
CA GLN F 180 -8.74 -51.58 12.23
C GLN F 180 -9.25 -53.01 12.15
N ALA F 181 -10.00 -53.45 13.16
CA ALA F 181 -10.58 -54.78 13.17
C ALA F 181 -11.36 -55.06 11.90
N THR F 182 -11.68 -56.33 11.64
CA THR F 182 -12.17 -56.81 10.35
C THR F 182 -11.15 -56.53 9.25
N SER F 183 -10.00 -57.18 9.41
CA SER F 183 -8.87 -56.95 8.52
C SER F 183 -9.19 -57.34 7.09
N SER F 184 -9.85 -58.47 6.89
CA SER F 184 -10.16 -58.97 5.55
C SER F 184 -11.66 -59.09 5.37
N VAL F 185 -12.13 -58.81 4.16
CA VAL F 185 -13.55 -58.91 3.82
C VAL F 185 -13.69 -59.06 2.31
N PRO F 186 -14.47 -60.03 1.83
CA PRO F 186 -14.62 -60.20 0.38
C PRO F 186 -15.38 -59.05 -0.24
N VAL F 187 -15.04 -58.77 -1.50
CA VAL F 187 -15.62 -57.65 -2.24
C VAL F 187 -16.00 -58.10 -3.64
N THR F 188 -17.13 -57.60 -4.13
CA THR F 188 -17.57 -57.80 -5.51
C THR F 188 -17.89 -56.43 -6.12
N PRO F 189 -17.52 -56.21 -7.37
CA PRO F 189 -17.72 -54.89 -7.98
C PRO F 189 -19.20 -54.51 -8.06
N GLY F 190 -19.46 -53.22 -7.90
CA GLY F 190 -20.80 -52.68 -7.98
C GLY F 190 -21.47 -52.45 -6.64
N GLU F 191 -20.98 -53.07 -5.57
CA GLU F 191 -21.56 -52.93 -4.25
C GLU F 191 -20.76 -51.93 -3.42
N SER F 192 -21.46 -51.10 -2.66
CA SER F 192 -20.81 -50.11 -1.81
C SER F 192 -20.14 -50.80 -0.62
N VAL F 193 -18.95 -50.32 -0.27
CA VAL F 193 -18.16 -50.90 0.81
C VAL F 193 -17.72 -49.78 1.75
N SER F 194 -17.90 -50.01 3.05
CA SER F 194 -17.48 -49.08 4.08
C SER F 194 -16.42 -49.73 4.96
N ILE F 195 -15.29 -49.06 5.11
CA ILE F 195 -14.17 -49.57 5.91
C ILE F 195 -14.08 -48.71 7.16
N SER F 196 -14.16 -49.34 8.33
CA SER F 196 -14.19 -48.64 9.60
C SER F 196 -12.81 -48.61 10.23
N CYS F 197 -12.52 -47.49 10.91
CA CYS F 197 -11.27 -47.30 11.65
C CYS F 197 -11.60 -46.69 12.99
N ARG F 198 -10.89 -47.13 14.04
CA ARG F 198 -11.15 -46.73 15.40
C ARG F 198 -9.95 -45.98 15.97
N SER F 199 -10.22 -45.03 16.85
CA SER F 199 -9.18 -44.24 17.51
C SER F 199 -9.43 -44.20 19.01
N SER F 200 -8.36 -43.89 19.75
CA SER F 200 -8.47 -43.80 21.21
C SER F 200 -8.99 -42.44 21.65
N LYS F 201 -8.24 -41.39 21.36
CA LYS F 201 -8.61 -40.02 21.70
C LYS F 201 -9.46 -39.41 20.58
N SER F 202 -10.27 -38.43 20.94
CA SER F 202 -11.00 -37.69 19.93
C SER F 202 -10.03 -36.97 19.01
N LEU F 203 -10.21 -37.16 17.70
CA LEU F 203 -9.32 -36.60 16.71
C LEU F 203 -9.75 -35.21 16.26
N LEU F 204 -10.79 -34.66 16.87
CA LEU F 204 -11.23 -33.31 16.58
C LEU F 204 -10.44 -32.31 17.41
N HIS F 205 -10.22 -31.13 16.86
CA HIS F 205 -9.49 -30.06 17.52
C HIS F 205 -10.35 -28.81 17.56
N SER F 206 -10.03 -27.93 18.51
CA SER F 206 -10.87 -26.77 18.77
C SER F 206 -11.08 -25.89 17.55
N ASN F 207 -10.12 -25.90 16.61
CA ASN F 207 -10.24 -25.07 15.42
C ASN F 207 -11.23 -25.61 14.40
N GLY F 208 -11.75 -26.81 14.61
CA GLY F 208 -12.73 -27.40 13.71
C GLY F 208 -12.19 -28.49 12.82
N ASN F 209 -10.89 -28.63 12.69
CA ASN F 209 -10.32 -29.73 11.93
C ASN F 209 -10.59 -31.06 12.64
N THR F 210 -10.27 -32.14 11.95
CA THR F 210 -10.51 -33.47 12.49
C THR F 210 -9.39 -34.48 12.24
N TYR F 211 -8.37 -34.12 11.47
CA TYR F 211 -7.07 -34.80 11.46
C TYR F 211 -7.19 -36.31 11.35
N LEU F 212 -7.70 -36.77 10.21
CA LEU F 212 -7.72 -38.19 9.89
C LEU F 212 -7.44 -38.37 8.41
N TYR F 213 -6.53 -39.28 8.08
CA TYR F 213 -6.12 -39.47 6.70
C TYR F 213 -6.38 -40.91 6.28
N TRP F 214 -6.63 -41.10 4.98
CA TRP F 214 -6.88 -42.41 4.42
C TRP F 214 -5.95 -42.66 3.25
N PHE F 215 -5.42 -43.88 3.16
CA PHE F 215 -4.51 -44.27 2.10
C PHE F 215 -4.94 -45.60 1.52
N LEU F 216 -4.53 -45.83 0.27
CA LEU F 216 -4.74 -47.09 -0.41
C LEU F 216 -3.42 -47.58 -0.96
N GLN F 217 -3.05 -48.81 -0.59
CA GLN F 217 -1.82 -49.42 -1.06
C GLN F 217 -2.19 -50.61 -1.94
N ARG F 218 -2.10 -50.42 -3.25
CA ARG F 218 -2.47 -51.44 -4.20
C ARG F 218 -1.47 -52.60 -4.13
N PRO F 219 -1.86 -53.79 -4.64
CA PRO F 219 -1.04 -55.00 -4.43
C PRO F 219 0.46 -54.86 -4.57
N GLY F 220 0.94 -53.90 -5.36
CA GLY F 220 2.37 -53.75 -5.49
C GLY F 220 2.87 -52.31 -5.60
N GLN F 221 1.96 -51.36 -5.44
CA GLN F 221 2.29 -49.95 -5.64
C GLN F 221 2.73 -49.33 -4.32
N SER F 222 2.79 -48.03 -4.30
CA SER F 222 3.02 -47.06 -3.24
C SER F 222 1.69 -46.46 -2.79
N PRO F 223 1.56 -46.08 -1.53
CA PRO F 223 0.28 -45.58 -1.05
C PRO F 223 -0.10 -44.24 -1.68
N GLN F 224 -1.40 -43.98 -1.68
CA GLN F 224 -1.95 -42.77 -2.25
C GLN F 224 -2.80 -42.06 -1.20
N LEU F 225 -2.96 -40.76 -1.36
CA LEU F 225 -3.87 -40.00 -0.50
C LEU F 225 -5.26 -40.09 -1.11
N LEU F 226 -6.17 -40.74 -0.39
CA LEU F 226 -7.56 -40.77 -0.80
C LEU F 226 -8.34 -39.58 -0.22
N ILE F 227 -8.33 -39.46 1.10
CA ILE F 227 -9.07 -38.40 1.79
C ILE F 227 -8.24 -37.90 2.95
N TYR F 228 -8.20 -36.57 3.13
CA TYR F 228 -7.49 -35.96 4.24
C TYR F 228 -8.49 -35.26 5.13
N ARG F 229 -8.31 -35.39 6.44
CA ARG F 229 -9.23 -34.86 7.44
C ARG F 229 -10.63 -35.46 7.27
N MET F 230 -10.66 -36.72 6.85
CA MET F 230 -11.78 -37.67 6.81
C MET F 230 -12.94 -37.18 5.97
N SER F 231 -12.83 -36.01 5.35
CA SER F 231 -13.95 -35.46 4.59
C SER F 231 -13.58 -34.91 3.23
N ASN F 232 -12.33 -34.51 3.00
CA ASN F 232 -11.97 -33.80 1.78
C ASN F 232 -11.22 -34.73 0.84
N LEU F 233 -11.63 -34.72 -0.42
CA LEU F 233 -11.01 -35.56 -1.43
C LEU F 233 -9.67 -34.98 -1.88
N ALA F 234 -8.78 -35.86 -2.29
CA ALA F 234 -7.45 -35.44 -2.73
C ALA F 234 -7.53 -34.93 -4.15
N SER F 235 -6.36 -34.77 -4.80
CA SER F 235 -6.32 -34.08 -6.08
C SER F 235 -6.99 -34.88 -7.18
N GLY F 236 -6.43 -36.05 -7.50
CA GLY F 236 -6.90 -36.85 -8.61
C GLY F 236 -7.75 -38.04 -8.25
N VAL F 237 -8.20 -38.14 -7.00
CA VAL F 237 -9.00 -39.30 -6.58
C VAL F 237 -10.38 -39.22 -7.23
N PRO F 238 -10.93 -40.34 -7.70
CA PRO F 238 -12.28 -40.31 -8.24
C PRO F 238 -13.30 -39.87 -7.20
N ASP F 239 -14.40 -39.30 -7.70
CA ASP F 239 -15.45 -38.79 -6.82
C ASP F 239 -16.21 -39.89 -6.09
N ARG F 240 -15.95 -41.15 -6.43
CA ARG F 240 -16.62 -42.25 -5.74
C ARG F 240 -16.29 -42.25 -4.25
N PHE F 241 -15.01 -42.07 -3.92
CA PHE F 241 -14.55 -42.25 -2.55
C PHE F 241 -15.05 -41.11 -1.67
N SER F 242 -15.57 -41.46 -0.51
CA SER F 242 -16.07 -40.47 0.45
C SER F 242 -15.82 -40.98 1.86
N GLY F 243 -15.64 -40.05 2.77
CA GLY F 243 -15.35 -40.40 4.15
C GLY F 243 -16.19 -39.63 5.15
N SER F 244 -16.59 -40.28 6.24
CA SER F 244 -17.39 -39.64 7.26
C SER F 244 -17.06 -40.27 8.61
N GLY F 245 -17.03 -39.44 9.65
CA GLY F 245 -16.67 -39.92 10.96
C GLY F 245 -17.45 -39.26 12.08
N SER F 246 -17.01 -39.48 13.31
CA SER F 246 -17.69 -38.99 14.49
C SER F 246 -16.80 -38.15 15.39
N GLY F 247 -15.52 -38.48 15.45
CA GLY F 247 -14.63 -37.88 16.42
C GLY F 247 -13.76 -38.96 17.04
N THR F 248 -14.31 -40.16 17.14
CA THR F 248 -13.57 -41.30 17.67
C THR F 248 -13.72 -42.51 16.75
N ALA F 249 -14.83 -42.59 16.04
CA ALA F 249 -15.09 -43.67 15.09
C ALA F 249 -15.16 -43.10 13.68
N PHE F 250 -14.59 -43.85 12.73
CA PHE F 250 -14.45 -43.36 11.37
C PHE F 250 -14.81 -44.45 10.37
N THR F 251 -15.11 -44.03 9.15
CA THR F 251 -15.37 -44.96 8.06
C THR F 251 -15.01 -44.33 6.73
N LEU F 252 -14.80 -45.17 5.73
CA LEU F 252 -14.51 -44.75 4.36
C LEU F 252 -15.48 -45.46 3.43
N THR F 253 -16.18 -44.69 2.61
CA THR F 253 -17.22 -45.22 1.74
C THR F 253 -16.74 -45.23 0.30
N ILE F 254 -16.71 -46.42 -0.30
CA ILE F 254 -16.46 -46.58 -1.72
C ILE F 254 -17.80 -46.94 -2.37
N SER F 255 -18.33 -46.04 -3.20
CA SER F 255 -19.68 -46.23 -3.72
C SER F 255 -19.75 -47.38 -4.71
N ARG F 256 -18.81 -47.41 -5.67
CA ARG F 256 -18.81 -48.42 -6.72
C ARG F 256 -17.40 -48.97 -6.85
N LEU F 257 -17.20 -50.21 -6.39
CA LEU F 257 -15.87 -50.80 -6.41
C LEU F 257 -15.49 -51.17 -7.84
N GLU F 258 -14.47 -50.52 -8.36
CA GLU F 258 -13.89 -50.88 -9.65
C GLU F 258 -12.71 -51.82 -9.42
N ALA F 259 -12.23 -52.40 -10.52
CA ALA F 259 -11.15 -53.38 -10.44
C ALA F 259 -9.83 -52.77 -9.94
N GLU F 260 -9.72 -51.45 -9.92
CA GLU F 260 -8.51 -50.78 -9.47
C GLU F 260 -8.58 -50.31 -8.03
N ASP F 261 -9.59 -50.76 -7.27
CA ASP F 261 -9.78 -50.33 -5.90
C ASP F 261 -9.41 -51.40 -4.89
N VAL F 262 -8.68 -52.44 -5.30
CA VAL F 262 -8.27 -53.49 -4.39
C VAL F 262 -6.96 -53.07 -3.72
N GLY F 263 -6.64 -53.76 -2.62
CA GLY F 263 -5.44 -53.45 -1.85
C GLY F 263 -5.72 -53.37 -0.37
N VAL F 264 -4.91 -52.61 0.36
CA VAL F 264 -5.06 -52.44 1.79
C VAL F 264 -5.26 -50.96 2.09
N TYR F 265 -6.29 -50.65 2.87
CA TYR F 265 -6.63 -49.29 3.26
C TYR F 265 -6.08 -48.99 4.64
N TYR F 266 -5.42 -47.85 4.79
CA TYR F 266 -4.77 -47.46 6.04
C TYR F 266 -5.35 -46.15 6.53
N CYS F 267 -5.55 -46.05 7.85
CA CYS F 267 -6.03 -44.83 8.48
C CYS F 267 -4.96 -44.28 9.40
N MET F 268 -4.83 -42.96 9.41
CA MET F 268 -3.74 -42.30 10.10
C MET F 268 -4.24 -41.02 10.75
N GLN F 269 -3.63 -40.67 11.88
CA GLN F 269 -3.97 -39.46 12.61
C GLN F 269 -2.81 -38.47 12.53
N HIS F 270 -3.14 -37.18 12.59
CA HIS F 270 -2.16 -36.12 12.56
C HIS F 270 -2.42 -35.08 13.64
N LEU F 271 -3.12 -35.46 14.71
CA LEU F 271 -3.49 -34.49 15.74
C LEU F 271 -2.28 -34.09 16.58
N GLU F 272 -1.37 -35.03 16.85
CA GLU F 272 -0.18 -34.71 17.61
C GLU F 272 0.86 -35.79 17.35
N TYR F 273 2.11 -35.37 17.25
CA TYR F 273 3.18 -36.34 17.04
C TYR F 273 3.38 -37.17 18.30
N PRO F 274 3.71 -38.46 18.18
CA PRO F 274 4.00 -39.20 16.94
C PRO F 274 2.78 -39.55 16.11
N LEU F 275 3.00 -39.82 14.83
CA LEU F 275 1.93 -40.19 13.93
C LEU F 275 1.88 -41.71 13.82
N THR F 276 0.69 -42.27 13.93
CA THR F 276 0.50 -43.71 14.02
C THR F 276 -0.56 -44.18 13.05
N PHE F 277 -0.45 -45.44 12.65
CA PHE F 277 -1.30 -46.05 11.65
C PHE F 277 -2.11 -47.18 12.25
N GLY F 278 -3.02 -47.72 11.45
CA GLY F 278 -3.77 -48.90 11.81
C GLY F 278 -3.15 -50.15 11.21
N ALA F 279 -3.83 -51.27 11.41
CA ALA F 279 -3.33 -52.54 10.90
C ALA F 279 -3.69 -52.78 9.44
N GLY F 280 -4.52 -51.93 8.84
CA GLY F 280 -4.90 -52.08 7.46
C GLY F 280 -6.14 -52.94 7.29
N THR F 281 -6.78 -52.76 6.14
CA THR F 281 -7.96 -53.53 5.76
C THR F 281 -7.81 -53.97 4.32
N LYS F 282 -7.72 -55.28 4.11
CA LYS F 282 -7.50 -55.84 2.78
C LYS F 282 -8.84 -56.15 2.13
N LEU F 283 -9.08 -55.60 0.96
CA LEU F 283 -10.29 -55.88 0.19
C LEU F 283 -9.93 -56.87 -0.91
N GLU F 284 -10.07 -58.16 -0.61
CA GLU F 284 -9.65 -59.22 -1.51
C GLU F 284 -10.71 -59.47 -2.57
N LEU F 285 -10.28 -59.44 -3.83
CA LEU F 285 -11.18 -59.68 -4.96
C LEU F 285 -11.60 -61.14 -4.98
#